data_5SAD
#
_entry.id   5SAD
#
_cell.length_a   150.214
_cell.length_b   150.214
_cell.length_c   111.567
_cell.angle_alpha   90.000
_cell.angle_beta   90.000
_cell.angle_gamma   120.000
#
_symmetry.space_group_name_H-M   'P 63'
#
loop_
_entity.id
_entity.type
_entity.pdbx_description
1 polymer 'Uridylate-specific endoribonuclease'
2 non-polymer (3-phenyl-1,2-oxazol-5-yl)methylazanium
3 water water
#
_entity_poly.entity_id   1
_entity_poly.type   'polypeptide(L)'
_entity_poly.pdbx_seq_one_letter_code
;GAMSLENVAFNVVNKGHFDGQQGEVPVSIINNTVYTKVDGVDVELFENKTTLPVNVAFELWAKRNIKPVPEVKILNNLGV
DIAANTVIWDYKRDAPAHISTIGVCSMTDIAKKPTETICAPLTVFFDGRVDGQVDLFRNARNGVLITEGSVKGLQPSVGP
KQASLNGVTLIGEAVKTQFNYYKKVDGVVQQLPETYFTQSRNLQEFKPRSQMEIDFLELAMDEFIERYKLEGYAFEHIVY
GDFSHSQLGGLHLLIGLAKRFKESPFELEDFIPMDSTVKNYFITDAQTGSSKCVCSVIDLLLDDFVEIIKSQDLSVVSKV
VKVTIDYTEISFMLWCKDGHVETFYPKLQ
;
_entity_poly.pdbx_strand_id   A,B
#
# COMPACT_ATOMS: atom_id res chain seq x y z
N ALA A 2 -26.02 -19.30 16.62
CA ALA A 2 -26.80 -19.53 17.85
C ALA A 2 -26.02 -19.02 19.05
N MET A 3 -26.01 -17.70 19.20
CA MET A 3 -25.31 -17.06 20.30
C MET A 3 -26.02 -17.24 21.65
N SER A 4 -25.23 -17.43 22.70
CA SER A 4 -25.74 -17.59 24.04
C SER A 4 -24.68 -17.29 25.08
N LEU A 5 -25.11 -16.94 26.28
CA LEU A 5 -24.25 -16.67 27.41
C LEU A 5 -23.41 -17.93 27.73
N GLU A 6 -24.06 -19.10 27.78
CA GLU A 6 -23.45 -20.39 28.10
C GLU A 6 -22.45 -20.83 27.04
N ASN A 7 -22.71 -20.50 25.77
CA ASN A 7 -21.80 -20.78 24.68
C ASN A 7 -20.58 -19.85 24.73
N VAL A 8 -20.77 -18.56 25.04
CA VAL A 8 -19.67 -17.60 25.17
C VAL A 8 -18.75 -18.08 26.31
N ALA A 9 -19.33 -18.43 27.46
CA ALA A 9 -18.61 -18.97 28.61
C ALA A 9 -17.87 -20.27 28.28
N PHE A 10 -18.48 -21.17 27.48
CA PHE A 10 -17.82 -22.40 27.06
C PHE A 10 -16.56 -22.05 26.25
N ASN A 11 -16.66 -21.09 25.33
CA ASN A 11 -15.53 -20.66 24.54
C ASN A 11 -14.45 -20.06 25.43
N VAL A 12 -14.79 -19.21 26.41
CA VAL A 12 -13.80 -18.62 27.30
C VAL A 12 -13.05 -19.70 28.08
N VAL A 13 -13.79 -20.63 28.72
CA VAL A 13 -13.23 -21.73 29.49
C VAL A 13 -12.33 -22.64 28.63
N ASN A 14 -12.78 -23.03 27.43
CA ASN A 14 -12.04 -23.98 26.62
C ASN A 14 -11.06 -23.42 25.61
N LYS A 15 -11.28 -22.21 25.12
CA LYS A 15 -10.46 -21.59 24.07
C LYS A 15 -9.73 -20.30 24.48
N GLY A 16 -9.94 -19.85 25.73
CA GLY A 16 -9.31 -18.63 26.21
C GLY A 16 -9.96 -17.34 25.74
N HIS A 17 -11.00 -17.44 24.90
CA HIS A 17 -11.74 -16.32 24.28
C HIS A 17 -12.85 -16.92 23.38
N PHE A 18 -13.68 -16.05 22.77
CA PHE A 18 -14.71 -16.53 21.85
C PHE A 18 -14.01 -17.02 20.57
N ASP A 19 -14.25 -18.28 20.21
CA ASP A 19 -13.62 -18.91 19.07
C ASP A 19 -14.62 -19.63 18.13
N GLY A 20 -15.90 -19.28 18.22
CA GLY A 20 -16.97 -19.87 17.40
C GLY A 20 -17.24 -21.34 17.63
N GLN A 21 -16.74 -21.90 18.75
CA GLN A 21 -16.90 -23.31 19.08
C GLN A 21 -18.27 -23.63 19.66
N GLN A 22 -18.78 -24.81 19.39
CA GLN A 22 -20.07 -25.24 19.92
C GLN A 22 -19.88 -25.79 21.33
N GLY A 23 -20.87 -25.57 22.18
CA GLY A 23 -20.79 -26.06 23.55
C GLY A 23 -21.36 -25.09 24.56
N GLU A 24 -21.68 -25.60 25.76
CA GLU A 24 -22.26 -24.80 26.83
C GLU A 24 -21.67 -25.21 28.17
N VAL A 25 -21.45 -24.23 29.05
CA VAL A 25 -21.03 -24.49 30.43
C VAL A 25 -22.05 -23.79 31.35
N PRO A 26 -22.27 -24.34 32.57
CA PRO A 26 -23.20 -23.66 33.49
C PRO A 26 -22.62 -22.33 33.94
N VAL A 27 -23.46 -21.29 33.93
CA VAL A 27 -23.04 -19.95 34.30
C VAL A 27 -23.94 -19.37 35.36
N SER A 28 -23.36 -18.59 36.27
CA SER A 28 -24.15 -17.81 37.20
C SER A 28 -23.71 -16.33 37.16
N ILE A 29 -24.68 -15.45 37.16
CA ILE A 29 -24.41 -14.02 37.15
C ILE A 29 -24.83 -13.44 38.47
N ILE A 30 -23.88 -12.81 39.18
CA ILE A 30 -24.19 -12.20 40.47
C ILE A 30 -23.36 -10.94 40.56
N ASN A 31 -23.82 -9.83 41.20
N ASN A 31 -24.24 -9.92 40.55
CA ASN A 31 -23.00 -8.58 41.42
CA ASN A 31 -24.12 -8.49 40.47
C ASN A 31 -21.84 -8.24 40.38
C ASN A 31 -23.51 -8.22 39.11
N ASN A 32 -22.23 -7.96 39.10
CA ASN A 32 -21.45 -7.64 37.92
C ASN A 32 -20.38 -8.65 37.58
N THR A 33 -20.53 -9.88 38.05
CA THR A 33 -19.56 -10.91 37.82
C THR A 33 -20.18 -12.13 37.15
N VAL A 34 -19.45 -12.74 36.24
CA VAL A 34 -19.87 -13.96 35.59
C VAL A 34 -19.04 -15.09 36.20
N TYR A 35 -19.70 -16.13 36.68
CA TYR A 35 -19.03 -17.31 37.23
C TYR A 35 -19.40 -18.53 36.39
N THR A 36 -18.58 -19.58 36.51
CA THR A 36 -18.87 -20.87 35.93
C THR A 36 -18.62 -21.95 36.99
N LYS A 37 -19.45 -23.00 36.99
CA LYS A 37 -19.28 -24.08 37.94
C LYS A 37 -18.17 -25.02 37.44
N VAL A 38 -17.14 -25.21 38.26
CA VAL A 38 -16.02 -26.10 37.98
C VAL A 38 -15.90 -27.02 39.16
N ASP A 39 -16.27 -28.29 38.95
CA ASP A 39 -16.21 -29.33 39.97
C ASP A 39 -16.92 -28.94 41.26
N GLY A 40 -18.16 -28.49 41.11
CA GLY A 40 -18.98 -28.13 42.25
C GLY A 40 -18.84 -26.72 42.79
N VAL A 41 -17.79 -25.97 42.42
CA VAL A 41 -17.63 -24.60 42.93
C VAL A 41 -17.60 -23.54 41.82
N ASP A 42 -18.04 -22.34 42.16
CA ASP A 42 -18.07 -21.22 41.25
C ASP A 42 -16.70 -20.60 41.05
N VAL A 43 -16.32 -20.40 39.80
CA VAL A 43 -15.05 -19.82 39.43
C VAL A 43 -15.35 -18.57 38.62
N GLU A 44 -14.75 -17.45 39.01
CA GLU A 44 -14.95 -16.19 38.31
C GLU A 44 -14.35 -16.19 36.90
N LEU A 45 -15.17 -15.86 35.89
CA LEU A 45 -14.71 -15.73 34.51
C LEU A 45 -14.51 -14.28 34.10
N PHE A 46 -15.30 -13.37 34.68
CA PHE A 46 -15.27 -12.00 34.25
C PHE A 46 -15.90 -11.06 35.26
N GLU A 47 -15.25 -9.92 35.48
CA GLU A 47 -15.82 -8.87 36.32
C GLU A 47 -16.10 -7.67 35.43
N ASN A 48 -17.36 -7.30 35.35
CA ASN A 48 -17.77 -6.14 34.56
C ASN A 48 -17.35 -4.81 35.20
N LYS A 49 -16.43 -4.09 34.53
CA LYS A 49 -15.98 -2.73 34.87
C LYS A 49 -16.57 -1.68 33.89
N THR A 50 -17.47 -2.09 32.98
CA THR A 50 -18.06 -1.25 31.96
C THR A 50 -19.41 -0.69 32.45
N THR A 51 -19.98 0.22 31.66
CA THR A 51 -21.32 0.74 31.88
C THR A 51 -22.40 -0.08 31.11
N LEU A 52 -22.01 -1.19 30.46
CA LEU A 52 -22.95 -2.08 29.77
C LEU A 52 -23.44 -3.14 30.76
N PRO A 53 -24.57 -3.82 30.46
CA PRO A 53 -24.97 -4.98 31.30
C PRO A 53 -23.86 -6.04 31.31
N VAL A 54 -23.63 -6.68 32.47
CA VAL A 54 -22.60 -7.69 32.72
C VAL A 54 -22.52 -8.78 31.64
N ASN A 55 -23.64 -9.37 31.21
CA ASN A 55 -23.62 -10.44 30.22
C ASN A 55 -23.22 -9.94 28.82
N VAL A 56 -23.59 -8.70 28.51
CA VAL A 56 -23.27 -8.04 27.27
C VAL A 56 -21.78 -7.71 27.25
N ALA A 57 -21.26 -7.13 28.35
CA ALA A 57 -19.83 -6.79 28.42
C ALA A 57 -18.93 -8.01 28.37
N PHE A 58 -19.40 -9.14 28.97
CA PHE A 58 -18.69 -10.41 28.96
C PHE A 58 -18.57 -10.91 27.53
N GLU A 59 -19.65 -10.85 26.76
CA GLU A 59 -19.63 -11.28 25.37
C GLU A 59 -18.69 -10.42 24.49
N LEU A 60 -18.70 -9.09 24.66
CA LEU A 60 -17.83 -8.20 23.90
C LEU A 60 -16.37 -8.42 24.25
N TRP A 61 -16.08 -8.66 25.52
CA TRP A 61 -14.73 -8.95 25.96
C TRP A 61 -14.29 -10.32 25.40
N ALA A 62 -15.14 -11.36 25.46
CA ALA A 62 -14.82 -12.67 24.86
C ALA A 62 -14.55 -12.52 23.36
N LYS A 63 -15.31 -11.63 22.69
CA LYS A 63 -15.19 -11.39 21.26
C LYS A 63 -14.17 -10.33 20.87
N ARG A 64 -13.30 -9.95 21.78
CA ARG A 64 -12.28 -8.94 21.52
C ARG A 64 -11.32 -9.42 20.46
N ASN A 65 -10.74 -8.47 19.74
CA ASN A 65 -9.75 -8.74 18.72
C ASN A 65 -8.47 -9.15 19.45
N ILE A 66 -7.97 -10.35 19.12
CA ILE A 66 -6.75 -10.87 19.72
C ILE A 66 -5.54 -10.80 18.79
N LYS A 67 -5.62 -10.01 17.72
CA LYS A 67 -4.50 -9.77 16.84
C LYS A 67 -3.95 -8.41 17.25
N PRO A 68 -2.70 -8.06 16.87
CA PRO A 68 -2.20 -6.71 17.18
C PRO A 68 -3.10 -5.69 16.51
N VAL A 69 -3.65 -4.76 17.28
CA VAL A 69 -4.54 -3.74 16.76
C VAL A 69 -4.02 -2.35 17.10
N PRO A 70 -4.44 -1.31 16.37
CA PRO A 70 -4.02 0.06 16.73
C PRO A 70 -4.39 0.38 18.18
N GLU A 71 -3.51 1.12 18.88
CA GLU A 71 -3.81 1.57 20.24
C GLU A 71 -5.02 2.52 20.19
N VAL A 72 -5.92 2.42 21.16
CA VAL A 72 -7.15 3.21 21.23
C VAL A 72 -6.91 4.73 21.01
N LYS A 73 -5.81 5.30 21.56
CA LYS A 73 -5.50 6.72 21.33
C LYS A 73 -5.42 7.08 19.83
N ILE A 74 -4.88 6.18 18.98
CA ILE A 74 -4.79 6.36 17.52
C ILE A 74 -6.18 6.36 16.88
N LEU A 75 -7.00 5.35 17.23
CA LEU A 75 -8.36 5.21 16.71
C LEU A 75 -9.20 6.43 17.07
N ASN A 76 -9.09 6.91 18.32
CA ASN A 76 -9.77 8.10 18.82
C ASN A 76 -9.31 9.33 18.06
N ASN A 77 -7.99 9.50 17.88
CA ASN A 77 -7.43 10.65 17.17
C ASN A 77 -7.87 10.69 15.70
N LEU A 78 -8.14 9.52 15.11
CA LEU A 78 -8.64 9.36 13.74
C LEU A 78 -10.16 9.44 13.63
N GLY A 79 -10.87 9.68 14.72
CA GLY A 79 -12.32 9.80 14.75
C GLY A 79 -13.12 8.52 14.61
N VAL A 80 -12.54 7.36 14.98
CA VAL A 80 -13.23 6.08 14.84
C VAL A 80 -14.41 5.97 15.81
N ASP A 81 -15.60 5.68 15.30
CA ASP A 81 -16.80 5.53 16.10
C ASP A 81 -17.13 4.07 16.43
N ILE A 82 -16.84 3.14 15.51
CA ILE A 82 -17.27 1.75 15.61
C ILE A 82 -16.33 0.89 14.76
N ALA A 83 -16.24 -0.41 15.05
CA ALA A 83 -15.39 -1.31 14.26
C ALA A 83 -16.24 -2.26 13.44
N ALA A 84 -15.74 -2.61 12.25
CA ALA A 84 -16.44 -3.57 11.40
C ALA A 84 -16.15 -5.00 11.83
N ASN A 85 -17.16 -5.66 12.39
CA ASN A 85 -17.20 -7.09 12.73
C ASN A 85 -16.09 -7.57 13.65
N THR A 86 -15.77 -6.77 14.67
CA THR A 86 -14.78 -7.05 15.70
C THR A 86 -15.05 -6.11 16.90
N VAL A 87 -14.38 -6.40 18.04
CA VAL A 87 -14.44 -5.56 19.20
C VAL A 87 -13.02 -5.14 19.47
N ILE A 88 -12.74 -3.82 19.50
CA ILE A 88 -11.43 -3.34 19.94
C ILE A 88 -11.62 -3.14 21.45
N TRP A 89 -10.96 -3.98 22.25
CA TRP A 89 -11.07 -3.88 23.70
C TRP A 89 -10.09 -2.84 24.20
N ASP A 90 -10.60 -1.91 25.00
CA ASP A 90 -9.82 -0.84 25.61
C ASP A 90 -9.37 -1.35 26.98
N TYR A 91 -8.13 -1.82 27.06
CA TYR A 91 -7.52 -2.34 28.27
C TYR A 91 -7.22 -1.27 29.33
N LYS A 92 -7.08 0.00 28.92
CA LYS A 92 -6.85 1.08 29.88
C LYS A 92 -8.16 1.42 30.63
N ARG A 93 -9.32 1.21 29.99
CA ARG A 93 -10.60 1.44 30.62
C ARG A 93 -11.31 0.14 31.04
N ASP A 94 -10.76 -1.06 30.70
CA ASP A 94 -11.40 -2.37 30.93
C ASP A 94 -12.80 -2.37 30.31
N ALA A 95 -12.89 -1.88 29.07
CA ALA A 95 -14.18 -1.71 28.42
C ALA A 95 -14.06 -1.74 26.91
N PRO A 96 -15.17 -1.95 26.17
CA PRO A 96 -15.07 -1.83 24.69
C PRO A 96 -14.66 -0.42 24.29
N ALA A 97 -13.74 -0.27 23.33
CA ALA A 97 -13.34 1.05 22.85
C ALA A 97 -14.52 1.81 22.24
N HIS A 98 -15.54 1.09 21.74
CA HIS A 98 -16.69 1.69 21.06
C HIS A 98 -17.99 1.24 21.67
N ILE A 99 -19.00 2.11 21.69
CA ILE A 99 -20.31 1.84 22.30
C ILE A 99 -21.06 0.72 21.58
N SER A 100 -21.09 0.82 20.25
CA SER A 100 -21.85 -0.06 19.41
C SER A 100 -20.98 -1.02 18.63
N THR A 101 -21.61 -2.05 18.09
CA THR A 101 -20.92 -3.04 17.29
C THR A 101 -21.59 -3.26 15.91
N ILE A 102 -20.89 -3.96 15.02
CA ILE A 102 -21.43 -4.35 13.72
C ILE A 102 -21.12 -5.83 13.59
N GLY A 103 -22.15 -6.66 13.49
CA GLY A 103 -22.02 -8.11 13.36
C GLY A 103 -21.26 -8.82 14.49
N VAL A 104 -21.42 -8.36 15.72
CA VAL A 104 -20.72 -8.94 16.87
C VAL A 104 -21.66 -9.53 17.95
N CYS A 105 -22.57 -8.71 18.49
CA CYS A 105 -23.40 -9.09 19.61
C CYS A 105 -24.80 -8.51 19.40
N SER A 106 -25.86 -9.31 19.59
CA SER A 106 -27.22 -8.85 19.33
C SER A 106 -27.68 -7.68 20.19
N MET A 107 -27.12 -7.53 21.40
CA MET A 107 -27.48 -6.42 22.26
C MET A 107 -26.85 -5.09 21.85
N THR A 108 -25.65 -5.10 21.27
CA THR A 108 -24.94 -3.86 20.93
C THR A 108 -24.91 -3.52 19.44
N ASP A 109 -25.24 -4.50 18.57
CA ASP A 109 -25.23 -4.30 17.12
C ASP A 109 -26.18 -3.27 16.64
N ILE A 110 -25.68 -2.36 15.83
CA ILE A 110 -26.54 -1.42 15.12
C ILE A 110 -26.82 -1.92 13.68
N ALA A 111 -26.02 -2.90 13.21
CA ALA A 111 -26.04 -3.52 11.90
C ALA A 111 -25.29 -4.86 12.00
N LYS A 112 -25.49 -5.74 11.01
CA LYS A 112 -24.76 -7.00 10.87
C LYS A 112 -23.57 -6.77 9.92
N LYS A 113 -23.72 -5.87 8.92
CA LYS A 113 -22.68 -5.55 7.96
C LYS A 113 -22.46 -4.04 7.90
N PRO A 114 -21.20 -3.59 7.72
CA PRO A 114 -20.94 -2.14 7.67
C PRO A 114 -21.50 -1.44 6.41
N THR A 115 -22.06 -2.20 5.46
CA THR A 115 -22.70 -1.63 4.27
C THR A 115 -24.12 -1.15 4.57
N GLU A 116 -24.70 -1.46 5.75
CA GLU A 116 -26.03 -1.00 6.13
C GLU A 116 -26.00 0.53 6.31
N THR A 117 -27.07 1.22 5.87
CA THR A 117 -27.13 2.67 5.84
C THR A 117 -26.93 3.34 7.20
N ILE A 118 -27.19 2.63 8.33
CA ILE A 118 -26.96 3.18 9.67
C ILE A 118 -25.46 3.50 9.89
N CYS A 119 -24.55 2.77 9.22
CA CYS A 119 -23.11 2.89 9.34
C CYS A 119 -22.52 3.99 8.51
N ALA A 120 -23.23 4.46 7.46
CA ALA A 120 -22.72 5.49 6.55
C ALA A 120 -22.22 6.74 7.25
N PRO A 121 -22.94 7.35 8.21
CA PRO A 121 -22.39 8.55 8.90
C PRO A 121 -21.35 8.28 9.99
N LEU A 122 -21.11 7.02 10.36
CA LEU A 122 -20.14 6.67 11.37
C LEU A 122 -18.78 6.36 10.74
N THR A 123 -17.68 6.70 11.41
CA THR A 123 -16.35 6.34 10.91
C THR A 123 -16.08 4.91 11.39
N VAL A 124 -16.24 3.96 10.46
CA VAL A 124 -16.09 2.55 10.73
C VAL A 124 -14.61 2.16 10.60
N PHE A 125 -14.10 1.39 11.56
CA PHE A 125 -12.73 0.89 11.50
C PHE A 125 -12.75 -0.40 10.69
N PHE A 126 -11.87 -0.52 9.71
CA PHE A 126 -11.72 -1.67 8.83
C PHE A 126 -10.31 -2.19 8.95
N ASP A 127 -10.18 -3.50 8.84
CA ASP A 127 -8.92 -4.21 8.98
C ASP A 127 -8.65 -5.03 7.71
N GLY A 128 -7.71 -4.54 6.92
CA GLY A 128 -7.29 -5.16 5.68
C GLY A 128 -6.79 -6.58 5.82
N ARG A 129 -6.43 -7.00 7.05
CA ARG A 129 -6.02 -8.38 7.27
C ARG A 129 -7.20 -9.37 7.22
N VAL A 130 -8.44 -8.87 7.26
CA VAL A 130 -9.65 -9.68 7.18
C VAL A 130 -10.16 -9.56 5.75
N ASP A 131 -10.48 -10.70 5.12
CA ASP A 131 -10.98 -10.76 3.77
C ASP A 131 -12.20 -9.86 3.55
N GLY A 132 -12.20 -9.13 2.44
CA GLY A 132 -13.28 -8.23 2.09
C GLY A 132 -13.33 -6.88 2.79
N GLN A 133 -12.45 -6.61 3.78
CA GLN A 133 -12.54 -5.35 4.53
C GLN A 133 -11.96 -4.15 3.79
N VAL A 134 -10.97 -4.35 2.90
CA VAL A 134 -10.47 -3.25 2.08
C VAL A 134 -11.62 -2.76 1.15
N ASP A 135 -12.37 -3.72 0.56
CA ASP A 135 -13.51 -3.44 -0.31
C ASP A 135 -14.61 -2.70 0.41
N LEU A 136 -14.89 -3.12 1.66
CA LEU A 136 -15.90 -2.47 2.49
C LEU A 136 -15.50 -1.03 2.80
N PHE A 137 -14.20 -0.77 3.01
CA PHE A 137 -13.72 0.59 3.22
C PHE A 137 -13.95 1.45 1.95
N ARG A 138 -13.61 0.92 0.75
CA ARG A 138 -13.83 1.63 -0.52
C ARG A 138 -15.31 1.98 -0.70
N ASN A 139 -16.21 1.12 -0.24
CA ASN A 139 -17.64 1.37 -0.37
C ASN A 139 -18.26 2.19 0.81
N ALA A 140 -17.55 2.32 1.94
CA ALA A 140 -18.01 3.06 3.12
C ALA A 140 -17.99 4.58 2.92
N ARG A 141 -18.98 5.30 3.45
CA ARG A 141 -18.98 6.75 3.38
C ARG A 141 -17.89 7.29 4.34
N ASN A 142 -17.82 6.74 5.56
CA ASN A 142 -16.82 7.16 6.53
C ASN A 142 -16.10 5.94 7.08
N GLY A 143 -14.79 6.06 7.24
CA GLY A 143 -14.01 4.94 7.72
C GLY A 143 -12.53 5.17 7.89
N VAL A 144 -11.90 4.24 8.59
CA VAL A 144 -10.46 4.20 8.84
C VAL A 144 -10.06 2.79 8.49
N LEU A 145 -9.00 2.64 7.70
CA LEU A 145 -8.54 1.33 7.31
C LEU A 145 -7.09 1.14 7.71
N ILE A 146 -6.76 -0.07 8.18
CA ILE A 146 -5.39 -0.46 8.40
C ILE A 146 -5.06 -1.62 7.49
N THR A 147 -3.83 -1.64 6.96
CA THR A 147 -3.36 -2.76 6.15
C THR A 147 -1.90 -3.04 6.50
N GLU A 148 -1.44 -4.25 6.16
CA GLU A 148 -0.03 -4.61 6.31
C GLU A 148 0.78 -4.27 5.03
N GLY A 149 0.10 -4.00 3.93
CA GLY A 149 0.74 -3.68 2.66
C GLY A 149 -0.03 -2.64 1.88
N SER A 150 0.37 -2.50 0.63
CA SER A 150 -0.17 -1.54 -0.32
C SER A 150 -1.58 -1.88 -0.82
N VAL A 151 -2.44 -0.87 -0.97
CA VAL A 151 -3.78 -1.00 -1.55
C VAL A 151 -3.71 -0.19 -2.84
N LYS A 152 -3.98 -0.82 -4.00
CA LYS A 152 -3.84 -0.22 -5.32
C LYS A 152 -4.55 1.16 -5.42
N GLY A 153 -3.76 2.18 -5.74
CA GLY A 153 -4.27 3.53 -5.86
C GLY A 153 -4.48 4.31 -4.57
N LEU A 154 -4.51 3.65 -3.39
CA LEU A 154 -4.68 4.35 -2.11
C LEU A 154 -3.38 4.82 -1.52
N GLN A 155 -3.23 6.13 -1.36
CA GLN A 155 -2.01 6.71 -0.78
C GLN A 155 -1.96 6.42 0.71
N PRO A 156 -0.92 5.70 1.17
CA PRO A 156 -0.89 5.30 2.57
C PRO A 156 -0.25 6.30 3.52
N SER A 157 -0.49 6.07 4.79
CA SER A 157 0.14 6.81 5.86
C SER A 157 0.80 5.74 6.73
N VAL A 158 2.13 5.82 6.92
CA VAL A 158 2.81 4.85 7.77
C VAL A 158 2.49 5.17 9.23
N GLY A 159 1.86 4.22 9.91
CA GLY A 159 1.48 4.39 11.30
C GLY A 159 2.60 4.14 12.25
N PRO A 160 2.30 4.09 13.56
CA PRO A 160 3.36 3.81 14.54
C PRO A 160 3.91 2.39 14.39
N LYS A 161 5.14 2.21 14.88
CA LYS A 161 5.78 0.91 14.88
C LYS A 161 5.05 -0.07 15.78
N GLN A 162 4.44 0.44 16.88
CA GLN A 162 3.77 -0.35 17.90
C GLN A 162 2.27 -0.49 17.71
N ALA A 163 1.76 -1.60 18.21
CA ALA A 163 0.34 -1.92 18.23
C ALA A 163 0.05 -2.61 19.59
N SER A 164 -1.22 -2.74 19.93
CA SER A 164 -1.64 -3.40 21.14
C SER A 164 -2.03 -4.87 20.82
N LEU A 165 -1.37 -5.84 21.46
CA LEU A 165 -1.74 -7.24 21.31
C LEU A 165 -2.20 -7.75 22.68
N ASN A 166 -3.51 -7.96 22.85
CA ASN A 166 -4.09 -8.41 24.11
C ASN A 166 -3.74 -7.49 25.28
N GLY A 167 -3.70 -6.20 25.01
CA GLY A 167 -3.39 -5.18 25.99
C GLY A 167 -1.92 -4.92 26.21
N VAL A 168 -1.05 -5.61 25.47
CA VAL A 168 0.39 -5.39 25.59
C VAL A 168 0.81 -4.57 24.39
N THR A 169 1.32 -3.36 24.62
CA THR A 169 1.80 -2.52 23.53
C THR A 169 3.20 -2.98 23.23
N LEU A 170 3.44 -3.28 21.95
CA LEU A 170 4.72 -3.81 21.55
C LEU A 170 5.00 -3.53 20.09
N ILE A 171 6.29 -3.58 19.75
CA ILE A 171 6.78 -3.48 18.40
C ILE A 171 7.04 -4.92 18.03
N GLY A 172 6.21 -5.44 17.13
CA GLY A 172 6.19 -6.83 16.76
C GLY A 172 7.42 -7.37 16.06
N GLU A 173 7.82 -8.59 16.48
CA GLU A 173 8.93 -9.32 15.88
C GLU A 173 8.40 -10.60 15.26
N ALA A 174 7.49 -11.30 15.95
CA ALA A 174 6.85 -12.51 15.42
C ALA A 174 5.54 -12.20 14.64
N VAL A 175 5.01 -10.97 14.80
CA VAL A 175 3.79 -10.44 14.19
C VAL A 175 4.08 -9.03 13.70
N LYS A 176 3.31 -8.56 12.71
CA LYS A 176 3.45 -7.22 12.21
C LYS A 176 2.58 -6.29 13.06
N THR A 177 3.16 -5.18 13.56
CA THR A 177 2.44 -4.17 14.34
C THR A 177 2.41 -2.80 13.63
N GLN A 178 3.25 -2.60 12.59
CA GLN A 178 3.27 -1.33 11.86
C GLN A 178 2.31 -1.41 10.67
N PHE A 179 1.25 -0.60 10.71
CA PHE A 179 0.24 -0.63 9.66
C PHE A 179 0.27 0.61 8.79
N ASN A 180 -0.28 0.47 7.59
CA ASN A 180 -0.56 1.57 6.70
C ASN A 180 -1.95 2.01 7.17
N TYR A 181 -2.15 3.32 7.26
CA TYR A 181 -3.43 3.88 7.67
C TYR A 181 -4.05 4.65 6.52
N TYR A 182 -5.38 4.56 6.41
CA TYR A 182 -6.20 5.25 5.40
C TYR A 182 -7.48 5.77 6.07
N LYS A 183 -8.02 6.91 5.61
CA LYS A 183 -9.21 7.49 6.20
C LYS A 183 -10.11 8.09 5.13
N LYS A 184 -11.43 8.00 5.33
CA LYS A 184 -12.41 8.55 4.41
C LYS A 184 -13.40 9.38 5.21
N VAL A 185 -13.76 10.56 4.70
CA VAL A 185 -14.76 11.41 5.33
C VAL A 185 -15.74 11.79 4.22
N ASP A 186 -17.04 11.53 4.41
CA ASP A 186 -18.11 11.85 3.46
C ASP A 186 -17.86 11.32 2.05
N GLY A 187 -17.42 10.08 1.97
CA GLY A 187 -17.14 9.37 0.73
C GLY A 187 -15.80 9.71 0.12
N VAL A 188 -15.06 10.65 0.70
CA VAL A 188 -13.81 11.12 0.12
C VAL A 188 -12.61 10.72 0.94
N VAL A 189 -11.64 10.05 0.31
CA VAL A 189 -10.39 9.66 0.96
C VAL A 189 -9.65 10.92 1.39
N GLN A 190 -9.29 10.96 2.65
CA GLN A 190 -8.61 12.10 3.25
C GLN A 190 -7.13 11.84 3.39
N GLN A 191 -6.35 12.85 3.08
CA GLN A 191 -4.91 12.84 3.23
C GLN A 191 -4.60 12.94 4.73
N LEU A 192 -4.00 11.89 5.29
CA LEU A 192 -3.59 11.92 6.68
C LEU A 192 -2.37 12.80 6.79
N PRO A 193 -2.31 13.64 7.82
CA PRO A 193 -1.19 14.57 7.94
C PRO A 193 0.11 13.91 8.37
N GLU A 194 1.24 14.62 8.10
CA GLU A 194 2.57 14.24 8.57
C GLU A 194 2.51 14.36 10.11
N THR A 195 3.03 13.34 10.80
CA THR A 195 2.86 13.29 12.24
C THR A 195 4.03 12.66 12.96
N TYR A 196 4.18 13.06 14.21
CA TYR A 196 5.08 12.37 15.12
C TYR A 196 4.21 11.30 15.78
N PHE A 197 4.84 10.33 16.42
CA PHE A 197 4.12 9.32 17.17
C PHE A 197 4.62 9.27 18.58
N THR A 198 3.70 9.09 19.53
CA THR A 198 4.09 8.86 20.91
C THR A 198 4.64 7.41 20.99
N GLN A 199 5.55 7.18 21.94
CA GLN A 199 6.29 5.92 22.08
C GLN A 199 5.61 4.86 22.94
N SER A 200 4.54 5.22 23.66
CA SER A 200 3.72 4.31 24.47
C SER A 200 4.47 3.49 25.54
N ARG A 201 5.50 4.09 26.16
CA ARG A 201 6.26 3.43 27.20
C ARG A 201 5.68 3.61 28.60
N ASN A 202 6.12 2.78 29.55
CA ASN A 202 5.70 2.83 30.96
C ASN A 202 6.81 3.49 31.75
N LEU A 203 6.47 4.07 32.87
CA LEU A 203 7.43 4.71 33.76
C LEU A 203 8.44 3.71 34.38
N GLN A 204 7.93 2.58 34.89
CA GLN A 204 8.69 1.57 35.61
C GLN A 204 9.56 0.69 34.71
N GLU A 205 9.15 0.46 33.46
CA GLU A 205 9.94 -0.37 32.55
C GLU A 205 10.35 0.43 31.31
N PHE A 206 10.73 1.70 31.51
CA PHE A 206 11.13 2.57 30.43
C PHE A 206 12.46 2.18 29.81
N LYS A 207 12.49 2.03 28.48
CA LYS A 207 13.73 1.71 27.77
C LYS A 207 14.02 2.78 26.72
N PRO A 208 15.28 3.27 26.67
CA PRO A 208 15.62 4.29 25.67
C PRO A 208 15.64 3.72 24.24
N ARG A 209 15.16 4.52 23.26
CA ARG A 209 15.08 4.08 21.88
C ARG A 209 15.96 4.91 20.91
N SER A 210 17.00 5.56 21.46
CA SER A 210 17.97 6.34 20.69
C SER A 210 19.22 6.61 21.54
N GLN A 211 20.33 7.04 20.89
CA GLN A 211 21.54 7.36 21.64
C GLN A 211 21.32 8.60 22.53
N MET A 212 20.48 9.55 22.09
CA MET A 212 20.16 10.72 22.88
C MET A 212 19.41 10.33 24.16
N GLU A 213 18.50 9.35 24.07
CA GLU A 213 17.75 8.88 25.24
C GLU A 213 18.64 8.11 26.21
N ILE A 214 19.62 7.35 25.69
CA ILE A 214 20.59 6.63 26.51
C ILE A 214 21.46 7.66 27.25
N ASP A 215 21.87 8.73 26.55
CA ASP A 215 22.67 9.81 27.13
C ASP A 215 21.87 10.61 28.16
N PHE A 216 20.56 10.78 27.97
CA PHE A 216 19.73 11.51 28.93
C PHE A 216 19.63 10.74 30.25
N LEU A 217 19.42 9.43 30.17
CA LEU A 217 19.29 8.58 31.34
C LEU A 217 20.62 8.37 32.06
N GLU A 218 21.74 8.35 31.32
CA GLU A 218 23.04 8.08 31.94
C GLU A 218 23.80 9.34 32.38
N LEU A 219 23.87 10.38 31.53
CA LEU A 219 24.59 11.60 31.85
C LEU A 219 23.88 12.46 32.90
N ALA A 220 24.64 13.35 33.57
CA ALA A 220 24.10 14.33 34.52
C ALA A 220 23.40 15.42 33.70
N MET A 221 22.49 16.17 34.33
CA MET A 221 21.73 17.20 33.64
C MET A 221 22.58 18.20 32.81
N ASP A 222 23.58 18.84 33.43
CA ASP A 222 24.39 19.86 32.77
C ASP A 222 25.26 19.33 31.62
N GLU A 223 25.77 18.09 31.70
CA GLU A 223 26.59 17.57 30.60
C GLU A 223 25.73 17.09 29.42
N PHE A 224 24.46 16.66 29.66
CA PHE A 224 23.58 16.27 28.55
C PHE A 224 23.18 17.53 27.77
N ILE A 225 22.82 18.61 28.49
CA ILE A 225 22.45 19.89 27.90
C ILE A 225 23.62 20.46 27.10
N GLU A 226 24.85 20.28 27.60
CA GLU A 226 26.06 20.73 26.93
C GLU A 226 26.31 19.91 25.65
N ARG A 227 26.27 18.56 25.75
CA ARG A 227 26.50 17.66 24.63
C ARG A 227 25.52 17.86 23.48
N TYR A 228 24.23 18.06 23.80
CA TYR A 228 23.21 18.21 22.77
C TYR A 228 22.85 19.66 22.44
N LYS A 229 23.66 20.62 22.91
CA LYS A 229 23.49 22.05 22.64
C LYS A 229 22.07 22.56 22.97
N LEU A 230 21.57 22.22 24.16
CA LEU A 230 20.23 22.60 24.59
C LEU A 230 20.19 23.78 25.57
N GLU A 231 21.26 24.60 25.60
CA GLU A 231 21.29 25.79 26.45
C GLU A 231 20.25 26.79 25.93
N GLY A 232 19.47 27.36 26.83
CA GLY A 232 18.41 28.29 26.45
C GLY A 232 17.12 27.63 26.00
N TYR A 233 17.01 26.29 26.18
CA TYR A 233 15.82 25.55 25.78
C TYR A 233 15.01 24.99 26.97
N ALA A 234 15.33 25.44 28.21
CA ALA A 234 14.68 25.14 29.47
C ALA A 234 14.42 23.65 29.75
N PHE A 235 15.36 22.77 29.36
CA PHE A 235 15.23 21.34 29.63
C PHE A 235 15.28 21.05 31.13
N GLU A 236 16.00 21.89 31.91
CA GLU A 236 16.11 21.81 33.36
C GLU A 236 14.71 21.84 33.99
N HIS A 237 13.83 22.71 33.45
CA HIS A 237 12.44 22.87 33.87
C HIS A 237 11.50 21.84 33.17
N ILE A 238 11.38 21.89 31.83
CA ILE A 238 10.49 21.06 31.01
C ILE A 238 10.71 19.55 31.12
N VAL A 239 11.96 19.09 30.97
CA VAL A 239 12.24 17.67 30.92
C VAL A 239 12.70 17.09 32.27
N TYR A 240 13.68 17.70 32.90
CA TYR A 240 14.22 17.22 34.17
C TYR A 240 13.26 17.43 35.33
N GLY A 241 12.54 18.55 35.31
CA GLY A 241 11.61 18.89 36.39
C GLY A 241 12.26 19.67 37.50
N ASP A 242 11.52 20.60 38.07
CA ASP A 242 11.98 21.43 39.16
C ASP A 242 11.18 21.04 40.42
N PHE A 243 11.85 20.47 41.41
CA PHE A 243 11.19 20.01 42.63
C PHE A 243 11.52 20.91 43.84
N SER A 244 11.96 22.17 43.60
CA SER A 244 12.37 23.08 44.67
C SER A 244 11.24 23.90 45.30
N HIS A 245 10.13 24.12 44.59
CA HIS A 245 8.99 24.87 45.12
C HIS A 245 7.79 23.96 45.40
N SER A 246 6.76 24.47 46.11
CA SER A 246 5.57 23.66 46.42
C SER A 246 4.90 23.17 45.14
N GLN A 247 4.85 24.03 44.11
CA GLN A 247 4.37 23.60 42.81
C GLN A 247 5.54 23.02 42.00
N LEU A 248 5.42 21.73 41.62
CA LEU A 248 6.36 21.01 40.78
C LEU A 248 6.43 21.71 39.43
N GLY A 249 7.63 22.05 39.01
CA GLY A 249 7.87 22.76 37.76
C GLY A 249 8.21 21.85 36.62
N GLY A 250 7.57 22.11 35.48
CA GLY A 250 7.78 21.34 34.26
C GLY A 250 7.42 19.87 34.38
N LEU A 251 8.35 19.00 33.94
CA LEU A 251 8.24 17.54 33.98
C LEU A 251 7.12 17.06 33.03
N HIS A 252 7.26 17.38 31.75
CA HIS A 252 6.23 17.05 30.76
C HIS A 252 6.60 15.92 29.80
N LEU A 253 7.83 15.40 29.86
CA LEU A 253 8.25 14.32 28.96
C LEU A 253 8.39 13.06 29.79
N LEU A 254 7.83 11.93 29.33
CA LEU A 254 7.89 10.67 30.06
C LEU A 254 9.31 10.25 30.44
N ILE A 255 10.28 10.46 29.56
CA ILE A 255 11.67 10.11 29.85
C ILE A 255 12.21 10.85 31.11
N GLY A 256 11.79 12.10 31.33
CA GLY A 256 12.19 12.87 32.51
C GLY A 256 11.59 12.29 33.77
N LEU A 257 10.36 11.81 33.69
CA LEU A 257 9.70 11.16 34.83
C LEU A 257 10.40 9.81 35.12
N ALA A 258 10.80 9.08 34.07
CA ALA A 258 11.48 7.79 34.20
C ALA A 258 12.84 7.98 34.88
N LYS A 259 13.58 9.03 34.50
CA LYS A 259 14.87 9.33 35.10
C LYS A 259 14.71 9.63 36.59
N ARG A 260 13.72 10.47 36.95
CA ARG A 260 13.40 10.85 38.32
C ARG A 260 13.00 9.62 39.15
N PHE A 261 12.20 8.73 38.55
CA PHE A 261 11.70 7.52 39.18
C PHE A 261 12.80 6.56 39.65
N LYS A 262 13.94 6.52 38.93
CA LYS A 262 15.07 5.67 39.29
C LYS A 262 15.67 6.16 40.62
N GLU A 263 15.75 7.47 40.82
CA GLU A 263 16.32 8.06 42.04
C GLU A 263 15.30 8.15 43.18
N SER A 264 14.18 8.83 42.95
CA SER A 264 13.14 9.07 43.96
C SER A 264 11.78 8.64 43.42
N PRO A 265 10.97 7.96 44.26
CA PRO A 265 9.62 7.59 43.82
C PRO A 265 8.66 8.78 43.90
N PHE A 266 7.53 8.66 43.22
CA PHE A 266 6.51 9.70 43.23
C PHE A 266 5.16 9.11 42.85
N GLU A 267 4.08 9.78 43.27
CA GLU A 267 2.73 9.31 42.96
C GLU A 267 2.21 10.03 41.74
N LEU A 268 1.65 9.27 40.80
CA LEU A 268 1.03 9.83 39.61
C LEU A 268 -0.43 9.45 39.71
N GLU A 269 -1.30 10.41 39.98
CA GLU A 269 -2.72 10.12 40.03
C GLU A 269 -3.30 10.32 38.63
N ASP A 270 -3.72 9.22 38.00
CA ASP A 270 -4.31 9.17 36.67
C ASP A 270 -5.81 9.45 36.84
N PHE A 271 -6.19 10.73 36.99
CA PHE A 271 -7.58 11.12 37.31
C PHE A 271 -8.56 10.98 36.13
N ILE A 272 -8.08 10.82 34.88
CA ILE A 272 -8.94 10.49 33.72
C ILE A 272 -8.32 9.23 33.10
N PRO A 273 -8.56 8.03 33.67
CA PRO A 273 -7.89 6.82 33.15
C PRO A 273 -8.39 6.32 31.79
N MET A 274 -7.66 6.68 30.77
CA MET A 274 -7.97 6.34 29.39
C MET A 274 -6.70 6.49 28.55
N ASP A 275 -6.69 5.90 27.36
CA ASP A 275 -5.57 6.03 26.46
C ASP A 275 -5.66 7.40 25.78
N SER A 276 -4.61 8.22 25.87
CA SER A 276 -4.56 9.48 25.14
C SER A 276 -3.13 9.91 24.85
N THR A 277 -2.93 10.65 23.74
CA THR A 277 -1.63 11.17 23.27
C THR A 277 -0.95 11.95 24.38
N VAL A 278 -1.70 12.85 25.01
CA VAL A 278 -1.19 13.58 26.16
C VAL A 278 -1.93 13.07 27.40
N LYS A 279 -1.21 12.73 28.46
CA LYS A 279 -1.82 12.27 29.70
C LYS A 279 -1.73 13.35 30.79
N ASN A 280 -2.75 13.48 31.63
CA ASN A 280 -2.75 14.44 32.73
C ASN A 280 -2.68 13.71 34.06
N TYR A 281 -1.68 14.07 34.87
CA TYR A 281 -1.53 13.44 36.18
C TYR A 281 -1.45 14.43 37.31
N PHE A 282 -2.02 14.05 38.45
CA PHE A 282 -1.87 14.83 39.67
C PHE A 282 -0.61 14.20 40.27
N ILE A 283 0.54 14.87 40.17
CA ILE A 283 1.80 14.30 40.66
C ILE A 283 2.23 14.83 42.06
N THR A 284 2.75 13.93 42.90
CA THR A 284 3.25 14.30 44.22
C THR A 284 4.62 13.65 44.33
N ASP A 285 5.68 14.45 44.43
CA ASP A 285 7.03 13.92 44.58
C ASP A 285 7.22 13.50 46.03
N ALA A 286 7.51 12.20 46.27
CA ALA A 286 7.64 11.67 47.62
C ALA A 286 8.84 12.20 48.38
N GLN A 287 9.95 12.49 47.70
CA GLN A 287 11.15 12.99 48.36
C GLN A 287 11.02 14.44 48.86
N THR A 288 10.53 15.33 48.00
CA THR A 288 10.47 16.75 48.33
C THR A 288 9.11 17.27 48.79
N GLY A 289 8.02 16.63 48.38
CA GLY A 289 6.69 17.16 48.64
C GLY A 289 6.24 18.14 47.56
N SER A 290 7.05 18.32 46.50
CA SER A 290 6.70 19.17 45.38
C SER A 290 5.54 18.48 44.63
N SER A 291 4.47 19.22 44.28
CA SER A 291 3.32 18.61 43.62
C SER A 291 2.66 19.50 42.55
N LYS A 292 1.83 18.91 41.67
CA LYS A 292 1.12 19.65 40.64
C LYS A 292 -0.17 18.90 40.34
N CYS A 293 -1.32 19.60 40.46
CA CYS A 293 -2.64 19.00 40.22
C CYS A 293 -2.78 18.48 38.82
N VAL A 294 -2.34 19.26 37.82
CA VAL A 294 -2.46 18.88 36.42
C VAL A 294 -1.10 18.98 35.75
N CYS A 295 -0.41 17.85 35.68
CA CYS A 295 0.87 17.77 35.02
C CYS A 295 0.69 16.99 33.72
N SER A 296 0.70 17.70 32.59
CA SER A 296 0.55 17.07 31.27
C SER A 296 1.85 16.38 30.93
N VAL A 297 1.76 15.12 30.53
CA VAL A 297 2.91 14.31 30.20
C VAL A 297 2.69 13.70 28.83
N ILE A 298 3.71 13.77 28.00
CA ILE A 298 3.71 13.15 26.69
C ILE A 298 4.94 12.25 26.58
N ASP A 299 4.79 11.10 25.91
CA ASP A 299 5.92 10.21 25.69
C ASP A 299 6.38 10.33 24.26
N LEU A 300 7.19 11.33 23.99
CA LEU A 300 7.79 11.51 22.69
C LEU A 300 9.21 10.96 22.79
N LEU A 301 9.78 10.51 21.66
CA LEU A 301 11.19 10.15 21.60
C LEU A 301 11.96 11.45 21.86
N LEU A 302 12.93 11.47 22.76
CA LEU A 302 13.62 12.73 23.12
C LEU A 302 14.12 13.53 21.90
N ASP A 303 14.55 12.83 20.85
CA ASP A 303 15.02 13.43 19.61
C ASP A 303 13.89 14.21 18.92
N ASP A 304 12.68 13.64 18.93
CA ASP A 304 11.52 14.28 18.34
C ASP A 304 11.12 15.52 19.10
N PHE A 305 11.19 15.47 20.45
CA PHE A 305 10.88 16.62 21.30
C PHE A 305 11.92 17.73 21.10
N VAL A 306 13.20 17.35 21.03
CA VAL A 306 14.33 18.25 20.79
C VAL A 306 14.15 18.94 19.43
N GLU A 307 13.74 18.17 18.39
CA GLU A 307 13.47 18.67 17.05
C GLU A 307 12.30 19.67 17.04
N ILE A 308 11.21 19.36 17.77
CA ILE A 308 10.06 20.25 17.89
C ILE A 308 10.46 21.58 18.54
N ILE A 309 11.08 21.55 19.74
CA ILE A 309 11.43 22.76 20.47
C ILE A 309 12.51 23.59 19.75
N LYS A 310 13.50 22.95 19.11
CA LYS A 310 14.54 23.69 18.38
C LYS A 310 14.00 24.35 17.11
N SER A 311 12.89 23.85 16.54
CA SER A 311 12.26 24.42 15.35
C SER A 311 11.46 25.71 15.64
N GLN A 312 11.24 26.02 16.92
CA GLN A 312 10.43 27.16 17.33
C GLN A 312 11.07 28.51 17.26
N ASP A 313 10.26 29.52 16.90
CA ASP A 313 10.70 30.90 16.94
C ASP A 313 10.61 31.30 18.43
N LEU A 314 11.70 31.81 19.00
CA LEU A 314 11.73 32.16 20.41
C LEU A 314 11.65 33.66 20.71
N SER A 315 11.05 34.45 19.79
CA SER A 315 10.99 35.90 19.94
C SER A 315 9.71 36.48 20.56
N VAL A 316 8.74 35.63 20.94
CA VAL A 316 7.48 36.14 21.52
C VAL A 316 7.30 35.64 22.98
N VAL A 317 6.65 36.45 23.83
CA VAL A 317 6.43 36.07 25.23
C VAL A 317 5.64 34.76 25.37
N SER A 318 4.48 34.66 24.70
CA SER A 318 3.67 33.45 24.79
C SER A 318 2.92 33.19 23.51
N LYS A 319 2.89 31.93 23.09
CA LYS A 319 2.17 31.55 21.89
C LYS A 319 1.83 30.06 21.87
N VAL A 320 0.79 29.72 21.11
CA VAL A 320 0.37 28.35 20.93
C VAL A 320 1.16 27.79 19.77
N VAL A 321 1.76 26.62 19.99
CA VAL A 321 2.54 25.89 19.01
C VAL A 321 1.75 24.61 18.76
N LYS A 322 1.30 24.40 17.52
CA LYS A 322 0.54 23.20 17.20
C LYS A 322 1.42 22.14 16.55
N VAL A 323 1.40 20.91 17.08
CA VAL A 323 2.24 19.82 16.58
C VAL A 323 1.37 18.60 16.33
N THR A 324 1.47 18.01 15.12
CA THR A 324 0.70 16.79 14.84
C THR A 324 1.39 15.60 15.50
N ILE A 325 0.70 14.96 16.45
CA ILE A 325 1.21 13.80 17.18
C ILE A 325 0.09 12.76 17.21
N ASP A 326 0.37 11.54 16.74
CA ASP A 326 -0.62 10.47 16.66
C ASP A 326 -1.83 10.87 15.81
N TYR A 327 -1.57 11.63 14.72
CA TYR A 327 -2.57 12.14 13.76
C TYR A 327 -3.43 13.29 14.31
N THR A 328 -3.25 13.70 15.56
CA THR A 328 -4.05 14.77 16.15
C THR A 328 -3.22 16.05 16.34
N GLU A 329 -3.87 17.22 16.31
CA GLU A 329 -3.17 18.49 16.56
C GLU A 329 -3.04 18.71 18.06
N ILE A 330 -1.81 18.64 18.59
CA ILE A 330 -1.56 18.87 20.00
C ILE A 330 -1.07 20.31 20.17
N SER A 331 -1.78 21.08 21.00
CA SER A 331 -1.39 22.47 21.26
C SER A 331 -0.41 22.49 22.40
N PHE A 332 0.68 23.21 22.21
CA PHE A 332 1.70 23.41 23.23
C PHE A 332 1.74 24.88 23.52
N MET A 333 2.03 25.21 24.76
CA MET A 333 2.16 26.58 25.18
C MET A 333 3.64 26.87 25.26
N LEU A 334 4.13 27.82 24.46
CA LEU A 334 5.54 28.16 24.44
C LEU A 334 5.74 29.54 25.08
N TRP A 335 6.52 29.59 26.15
CA TRP A 335 6.81 30.82 26.87
C TRP A 335 8.27 31.14 26.76
N CYS A 336 8.58 32.34 26.24
CA CYS A 336 9.96 32.76 26.03
C CYS A 336 10.25 34.09 26.74
N LYS A 337 11.54 34.39 26.92
CA LYS A 337 12.04 35.63 27.51
C LYS A 337 13.46 35.84 27.01
N ASP A 338 13.75 37.00 26.42
CA ASP A 338 15.07 37.38 25.90
C ASP A 338 15.68 36.36 24.93
N GLY A 339 14.84 35.75 24.09
CA GLY A 339 15.29 34.77 23.09
C GLY A 339 15.55 33.37 23.63
N HIS A 340 15.18 33.11 24.88
CA HIS A 340 15.35 31.78 25.47
C HIS A 340 14.02 31.22 25.93
N VAL A 341 13.87 29.89 25.95
CA VAL A 341 12.66 29.25 26.44
C VAL A 341 12.61 29.36 27.96
N GLU A 342 11.41 29.60 28.49
CA GLU A 342 11.12 29.60 29.92
C GLU A 342 10.40 28.27 30.19
N THR A 343 9.34 27.98 29.41
CA THR A 343 8.59 26.72 29.47
C THR A 343 7.95 26.38 28.12
N PHE A 344 7.63 25.10 27.92
CA PHE A 344 7.00 24.56 26.72
C PHE A 344 6.26 23.32 27.20
N TYR A 345 4.94 23.32 27.13
CA TYR A 345 4.15 22.20 27.64
C TYR A 345 2.91 21.93 26.84
N PRO A 346 2.46 20.64 26.78
CA PRO A 346 1.19 20.35 26.11
C PRO A 346 0.05 21.07 26.84
N LYS A 347 -0.47 22.16 26.23
CA LYS A 347 -1.49 23.10 26.71
C LYS A 347 -2.74 22.44 27.30
N LEU A 348 -3.00 22.75 28.58
CA LEU A 348 -4.12 22.23 29.38
C LEU A 348 -5.42 22.93 28.95
N GLN A 349 -6.28 22.19 28.21
CA GLN A 349 -7.55 22.71 27.68
C GLN A 349 -8.57 23.00 28.79
N ALA B 2 23.37 -29.27 -33.77
CA ALA B 2 24.23 -28.75 -34.84
C ALA B 2 23.59 -27.50 -35.44
N MET B 3 23.72 -26.39 -34.71
CA MET B 3 23.14 -25.13 -35.13
C MET B 3 23.85 -24.49 -36.32
N SER B 4 23.08 -23.91 -37.23
CA SER B 4 23.62 -23.27 -38.42
C SER B 4 22.63 -22.29 -39.01
N LEU B 5 23.14 -21.31 -39.74
CA LEU B 5 22.36 -20.31 -40.43
C LEU B 5 21.41 -21.00 -41.44
N GLU B 6 21.95 -21.94 -42.24
CA GLU B 6 21.24 -22.69 -43.26
C GLU B 6 20.15 -23.59 -42.68
N ASN B 7 20.39 -24.15 -41.49
CA ASN B 7 19.41 -24.97 -40.79
C ASN B 7 18.30 -24.10 -40.19
N VAL B 8 18.63 -22.92 -39.65
CA VAL B 8 17.63 -21.99 -39.10
C VAL B 8 16.72 -21.56 -40.25
N ALA B 9 17.30 -21.16 -41.39
CA ALA B 9 16.58 -20.79 -42.59
C ALA B 9 15.70 -21.91 -43.12
N PHE B 10 16.19 -23.18 -43.09
CA PHE B 10 15.39 -24.33 -43.52
C PHE B 10 14.13 -24.45 -42.64
N ASN B 11 14.31 -24.29 -41.32
CA ASN B 11 13.20 -24.33 -40.39
C ASN B 11 12.20 -23.21 -40.67
N VAL B 12 12.67 -21.98 -40.92
CA VAL B 12 11.77 -20.86 -41.20
C VAL B 12 10.95 -21.14 -42.47
N VAL B 13 11.62 -21.52 -43.55
CA VAL B 13 10.99 -21.83 -44.84
C VAL B 13 9.97 -22.98 -44.72
N ASN B 14 10.33 -24.07 -44.02
CA ASN B 14 9.47 -25.25 -43.96
C ASN B 14 8.51 -25.35 -42.81
N LYS B 15 8.82 -24.74 -41.67
CA LYS B 15 8.03 -24.84 -40.45
C LYS B 15 7.45 -23.51 -39.93
N GLY B 16 7.75 -22.41 -40.61
CA GLY B 16 7.26 -21.10 -40.20
C GLY B 16 8.02 -20.47 -39.04
N HIS B 17 9.00 -21.17 -38.49
CA HIS B 17 9.82 -20.78 -37.34
C HIS B 17 10.83 -21.92 -37.04
N PHE B 18 11.73 -21.72 -36.06
CA PHE B 18 12.66 -22.76 -35.68
C PHE B 18 11.88 -23.87 -34.97
N ASP B 19 11.98 -25.10 -35.48
CA ASP B 19 11.24 -26.24 -34.96
C ASP B 19 12.14 -27.49 -34.74
N GLY B 20 13.45 -27.29 -34.63
CA GLY B 20 14.42 -28.36 -34.40
C GLY B 20 14.55 -29.38 -35.53
N GLN B 21 14.04 -29.06 -36.72
CA GLN B 21 14.08 -29.96 -37.87
C GLN B 21 15.42 -29.96 -38.57
N GLN B 22 15.83 -31.11 -39.10
CA GLN B 22 17.09 -31.22 -39.83
C GLN B 22 16.89 -30.73 -41.26
N GLY B 23 17.92 -30.12 -41.82
CA GLY B 23 17.85 -29.64 -43.20
C GLY B 23 18.55 -28.32 -43.39
N GLU B 24 18.85 -27.99 -44.64
CA GLU B 24 19.56 -26.77 -45.00
C GLU B 24 18.98 -26.19 -46.27
N VAL B 25 18.89 -24.87 -46.34
CA VAL B 25 18.50 -24.16 -47.55
C VAL B 25 19.62 -23.15 -47.86
N PRO B 26 19.85 -22.83 -49.14
CA PRO B 26 20.89 -21.84 -49.45
C PRO B 26 20.46 -20.46 -48.95
N VAL B 27 21.39 -19.73 -48.35
CA VAL B 27 21.12 -18.42 -47.77
C VAL B 27 22.11 -17.38 -48.27
N SER B 28 21.64 -16.16 -48.45
CA SER B 28 22.54 -15.05 -48.71
C SER B 28 22.22 -13.90 -47.74
N ILE B 29 23.27 -13.28 -47.24
CA ILE B 29 23.13 -12.16 -46.31
C ILE B 29 23.63 -10.90 -46.99
N ILE B 30 22.76 -9.89 -47.11
CA ILE B 30 23.07 -8.60 -47.76
C ILE B 30 22.46 -7.51 -46.97
N ASN B 31 23.05 -6.31 -46.81
N ASN B 31 23.45 -6.81 -46.38
CA ASN B 31 22.37 -5.13 -46.17
CA ASN B 31 23.47 -5.75 -45.41
C ASN B 31 21.22 -5.43 -45.11
C ASN B 31 22.84 -6.36 -44.16
N ASN B 32 21.60 -6.06 -43.95
CA ASN B 32 20.80 -6.50 -42.81
C ASN B 32 19.64 -7.40 -43.14
N THR B 33 19.69 -8.04 -44.29
CA THR B 33 18.61 -8.90 -44.74
C THR B 33 19.10 -10.31 -45.02
N VAL B 34 18.29 -11.29 -44.66
CA VAL B 34 18.56 -12.69 -44.92
C VAL B 34 17.66 -13.09 -46.08
N TYR B 35 18.23 -13.67 -47.13
CA TYR B 35 17.48 -14.17 -48.27
C TYR B 35 17.70 -15.67 -48.39
N THR B 36 16.79 -16.35 -49.11
CA THR B 36 16.94 -17.74 -49.47
C THR B 36 16.65 -17.90 -50.98
N LYS B 37 17.37 -18.80 -51.64
CA LYS B 37 17.13 -19.05 -53.06
C LYS B 37 15.95 -19.99 -53.21
N VAL B 38 14.93 -19.56 -53.94
CA VAL B 38 13.74 -20.35 -54.24
C VAL B 38 13.59 -20.35 -55.75
N ASP B 39 13.87 -21.51 -56.36
CA ASP B 39 13.79 -21.71 -57.80
C ASP B 39 14.55 -20.65 -58.60
N GLY B 40 15.81 -20.47 -58.23
CA GLY B 40 16.68 -19.54 -58.92
C GLY B 40 16.66 -18.10 -58.48
N VAL B 41 15.65 -17.66 -57.69
CA VAL B 41 15.60 -16.25 -57.25
C VAL B 41 15.63 -16.11 -55.73
N ASP B 42 16.20 -14.98 -55.27
CA ASP B 42 16.30 -14.66 -53.86
C ASP B 42 15.00 -14.18 -53.27
N VAL B 43 14.62 -14.74 -52.14
CA VAL B 43 13.38 -14.41 -51.45
C VAL B 43 13.75 -13.96 -50.07
N GLU B 44 13.27 -12.79 -49.65
CA GLU B 44 13.56 -12.25 -48.33
C GLU B 44 12.92 -13.07 -47.19
N LEU B 45 13.73 -13.50 -46.22
CA LEU B 45 13.24 -14.24 -45.05
C LEU B 45 13.16 -13.35 -43.81
N PHE B 46 14.05 -12.36 -43.70
CA PHE B 46 14.13 -11.57 -42.50
C PHE B 46 14.88 -10.27 -42.73
N GLU B 47 14.36 -9.19 -42.17
CA GLU B 47 15.05 -7.92 -42.18
C GLU B 47 15.41 -7.58 -40.74
N ASN B 48 16.70 -7.45 -40.46
CA ASN B 48 17.18 -7.09 -39.15
C ASN B 48 16.91 -5.63 -38.78
N LYS B 49 16.04 -5.40 -37.78
CA LYS B 49 15.73 -4.09 -37.19
C LYS B 49 16.38 -3.94 -35.78
N THR B 50 17.19 -4.91 -35.35
CA THR B 50 17.84 -4.94 -34.05
C THR B 50 19.25 -4.34 -34.13
N THR B 51 19.88 -4.18 -32.97
CA THR B 51 21.26 -3.76 -32.86
C THR B 51 22.23 -5.00 -32.81
N LEU B 52 21.71 -6.23 -32.96
CA LEU B 52 22.54 -7.43 -32.99
C LEU B 52 22.96 -7.70 -34.45
N PRO B 53 24.01 -8.51 -34.68
CA PRO B 53 24.33 -8.92 -36.05
C PRO B 53 23.14 -9.64 -36.71
N VAL B 54 22.90 -9.37 -38.00
CA VAL B 54 21.78 -9.90 -38.81
C VAL B 54 21.56 -11.40 -38.64
N ASN B 55 22.61 -12.24 -38.70
CA ASN B 55 22.43 -13.69 -38.60
C ASN B 55 22.04 -14.14 -37.19
N VAL B 56 22.50 -13.41 -36.17
CA VAL B 56 22.20 -13.65 -34.78
C VAL B 56 20.74 -13.26 -34.52
N ALA B 57 20.32 -12.06 -35.00
CA ALA B 57 18.93 -11.62 -34.81
C ALA B 57 17.94 -12.51 -35.52
N PHE B 58 18.30 -13.04 -36.70
CA PHE B 58 17.49 -13.97 -37.48
C PHE B 58 17.26 -15.24 -36.67
N GLU B 59 18.31 -15.78 -36.06
CA GLU B 59 18.19 -16.99 -35.25
C GLU B 59 17.30 -16.78 -34.00
N LEU B 60 17.45 -15.66 -33.31
CA LEU B 60 16.64 -15.37 -32.12
C LEU B 60 15.17 -15.16 -32.50
N TRP B 61 14.92 -14.52 -33.62
CA TRP B 61 13.57 -14.34 -34.12
C TRP B 61 12.97 -15.69 -34.54
N ALA B 62 13.72 -16.55 -35.26
CA ALA B 62 13.25 -17.89 -35.62
C ALA B 62 12.93 -18.69 -34.34
N LYS B 63 13.74 -18.50 -33.28
CA LYS B 63 13.58 -19.21 -32.02
C LYS B 63 12.66 -18.54 -31.01
N ARG B 64 11.86 -17.56 -31.46
CA ARG B 64 10.93 -16.87 -30.59
C ARG B 64 9.87 -17.81 -30.04
N ASN B 65 9.35 -17.46 -28.86
CA ASN B 65 8.28 -18.21 -28.22
C ASN B 65 7.00 -17.94 -29.03
N ILE B 66 6.37 -19.01 -29.49
CA ILE B 66 5.13 -18.90 -30.28
C ILE B 66 3.88 -19.29 -29.47
N LYS B 67 3.99 -19.35 -28.16
CA LYS B 67 2.85 -19.60 -27.30
C LYS B 67 2.46 -18.25 -26.75
N PRO B 68 1.22 -18.08 -26.20
CA PRO B 68 0.87 -16.80 -25.57
C PRO B 68 1.84 -16.53 -24.43
N VAL B 69 2.52 -15.39 -24.44
CA VAL B 69 3.49 -15.04 -23.40
C VAL B 69 3.12 -13.72 -22.78
N PRO B 70 3.62 -13.43 -21.55
CA PRO B 70 3.37 -12.12 -20.96
C PRO B 70 3.85 -10.99 -21.88
N GLU B 71 3.08 -9.89 -21.95
CA GLU B 71 3.51 -8.72 -22.73
C GLU B 71 4.80 -8.17 -22.12
N VAL B 72 5.74 -7.73 -22.96
CA VAL B 72 7.05 -7.23 -22.56
C VAL B 72 6.95 -6.17 -21.41
N LYS B 73 5.95 -5.26 -21.45
CA LYS B 73 5.77 -4.27 -20.38
C LYS B 73 5.65 -4.94 -18.98
N ILE B 74 4.96 -6.11 -18.87
CA ILE B 74 4.82 -6.87 -17.62
C ILE B 74 6.17 -7.45 -17.16
N LEU B 75 6.90 -8.08 -18.09
CA LEU B 75 8.20 -8.67 -17.80
C LEU B 75 9.18 -7.61 -17.32
N ASN B 76 9.20 -6.45 -18.00
CA ASN B 76 10.04 -5.31 -17.66
C ASN B 76 9.66 -4.77 -16.28
N ASN B 77 8.37 -4.60 -16.01
CA ASN B 77 7.89 -4.09 -14.73
C ASN B 77 8.23 -5.02 -13.57
N LEU B 78 8.33 -6.34 -13.83
CA LEU B 78 8.72 -7.34 -12.87
C LEU B 78 10.24 -7.54 -12.75
N GLY B 79 11.03 -6.76 -13.49
CA GLY B 79 12.49 -6.82 -13.47
C GLY B 79 13.12 -8.01 -14.15
N VAL B 80 12.45 -8.62 -15.15
CA VAL B 80 12.99 -9.78 -15.87
C VAL B 80 14.20 -9.37 -16.72
N ASP B 81 15.31 -10.07 -16.53
CA ASP B 81 16.54 -9.80 -17.26
C ASP B 81 16.74 -10.70 -18.47
N ILE B 82 16.28 -11.96 -18.35
CA ILE B 82 16.53 -13.01 -19.32
C ILE B 82 15.47 -14.10 -19.18
N ALA B 83 15.26 -14.87 -20.23
CA ALA B 83 14.30 -15.97 -20.19
C ALA B 83 15.02 -17.31 -20.18
N ALA B 84 14.43 -18.29 -19.49
CA ALA B 84 14.98 -19.64 -19.46
C ALA B 84 14.58 -20.44 -20.69
N ASN B 85 15.56 -20.70 -21.57
CA ASN B 85 15.47 -21.56 -22.74
C ASN B 85 14.39 -21.21 -23.75
N THR B 86 14.21 -19.92 -23.99
CA THR B 86 13.27 -19.35 -24.95
C THR B 86 13.69 -17.91 -25.29
N VAL B 87 13.08 -17.35 -26.33
CA VAL B 87 13.29 -15.97 -26.70
C VAL B 87 11.91 -15.31 -26.61
N ILE B 88 11.78 -14.26 -25.79
CA ILE B 88 10.56 -13.47 -25.78
C ILE B 88 10.84 -12.39 -26.83
N TRP B 89 10.13 -12.45 -27.98
CA TRP B 89 10.33 -11.50 -29.04
C TRP B 89 9.49 -10.28 -28.75
N ASP B 90 10.12 -9.12 -28.79
CA ASP B 90 9.49 -7.84 -28.57
C ASP B 90 9.04 -7.31 -29.93
N TYR B 91 7.76 -7.50 -30.26
CA TYR B 91 7.16 -7.07 -31.51
C TYR B 91 7.01 -5.57 -31.64
N LYS B 92 6.98 -4.84 -30.51
CA LYS B 92 6.91 -3.38 -30.58
C LYS B 92 8.25 -2.78 -30.98
N ARG B 93 9.36 -3.45 -30.65
CA ARG B 93 10.70 -3.01 -31.03
C ARG B 93 11.29 -3.81 -32.20
N ASP B 94 10.62 -4.88 -32.66
CA ASP B 94 11.13 -5.82 -33.69
C ASP B 94 12.49 -6.35 -33.25
N ALA B 95 12.58 -6.76 -31.99
CA ALA B 95 13.85 -7.19 -31.41
C ALA B 95 13.67 -8.15 -30.26
N PRO B 96 14.71 -8.89 -29.84
CA PRO B 96 14.56 -9.72 -28.62
C PRO B 96 14.28 -8.85 -27.40
N ALA B 97 13.33 -9.25 -26.54
CA ALA B 97 13.04 -8.48 -25.31
C ALA B 97 14.26 -8.41 -24.39
N HIS B 98 15.17 -9.41 -24.47
CA HIS B 98 16.33 -9.49 -23.59
C HIS B 98 17.61 -9.58 -24.39
N ILE B 99 18.70 -9.00 -23.86
CA ILE B 99 20.01 -8.96 -24.53
C ILE B 99 20.61 -10.35 -24.70
N SER B 100 20.56 -11.14 -23.62
CA SER B 100 21.18 -12.43 -23.54
C SER B 100 20.16 -13.56 -23.52
N THR B 101 20.67 -14.78 -23.77
CA THR B 101 19.83 -15.95 -23.78
C THR B 101 20.39 -17.07 -22.87
N ILE B 102 19.58 -18.10 -22.62
CA ILE B 102 19.99 -19.29 -21.88
C ILE B 102 19.54 -20.46 -22.71
N GLY B 103 20.48 -21.27 -23.18
CA GLY B 103 20.19 -22.45 -24.01
C GLY B 103 19.43 -22.18 -25.31
N VAL B 104 19.73 -21.07 -25.98
CA VAL B 104 19.04 -20.70 -27.22
C VAL B 104 19.97 -20.56 -28.44
N CYS B 105 20.98 -19.69 -28.35
CA CYS B 105 21.82 -19.35 -29.48
C CYS B 105 23.26 -19.19 -28.99
N SER B 106 24.23 -19.79 -29.67
CA SER B 106 25.64 -19.76 -29.24
C SER B 106 26.24 -18.37 -29.15
N MET B 107 25.77 -17.42 -29.98
CA MET B 107 26.28 -16.06 -29.96
C MET B 107 25.76 -15.24 -28.76
N THR B 108 24.53 -15.50 -28.29
CA THR B 108 23.93 -14.69 -27.21
C THR B 108 23.86 -15.39 -25.84
N ASP B 109 24.05 -16.71 -25.81
CA ASP B 109 23.97 -17.49 -24.56
C ASP B 109 24.99 -17.11 -23.54
N ILE B 110 24.54 -16.90 -22.32
CA ILE B 110 25.44 -16.72 -21.19
C ILE B 110 25.58 -18.06 -20.43
N ALA B 111 24.68 -19.02 -20.66
CA ALA B 111 24.56 -20.32 -20.05
C ALA B 111 23.69 -21.20 -20.96
N LYS B 112 23.74 -22.53 -20.77
CA LYS B 112 22.88 -23.50 -21.45
C LYS B 112 21.66 -23.80 -20.54
N LYS B 113 21.85 -23.79 -19.21
CA LYS B 113 20.80 -24.05 -18.24
C LYS B 113 20.73 -22.90 -17.22
N PRO B 114 19.51 -22.53 -16.77
CA PRO B 114 19.39 -21.44 -15.79
C PRO B 114 19.96 -21.79 -14.40
N THR B 115 20.38 -23.04 -14.17
CA THR B 115 21.01 -23.44 -12.92
C THR B 115 22.49 -23.03 -12.84
N GLU B 116 23.09 -22.57 -13.97
CA GLU B 116 24.48 -22.12 -13.99
C GLU B 116 24.62 -20.85 -13.14
N THR B 117 25.73 -20.72 -12.40
CA THR B 117 25.91 -19.62 -11.44
C THR B 117 25.84 -18.23 -12.06
N ILE B 118 26.09 -18.07 -13.39
CA ILE B 118 25.96 -16.77 -14.06
C ILE B 118 24.50 -16.24 -13.98
N CYS B 119 23.51 -17.15 -13.91
CA CYS B 119 22.09 -16.83 -13.88
C CYS B 119 21.55 -16.49 -12.52
N ALA B 120 22.20 -16.96 -11.43
CA ALA B 120 21.74 -16.72 -10.06
C ALA B 120 21.41 -15.24 -9.76
N PRO B 121 22.25 -14.23 -10.09
CA PRO B 121 21.86 -12.84 -9.81
C PRO B 121 20.87 -12.19 -10.79
N LEU B 122 20.54 -12.87 -11.90
CA LEU B 122 19.61 -12.35 -12.88
C LEU B 122 18.20 -12.82 -12.57
N THR B 123 17.19 -11.99 -12.84
CA THR B 123 15.81 -12.40 -12.65
C THR B 123 15.42 -13.19 -13.91
N VAL B 124 15.44 -14.52 -13.80
CA VAL B 124 15.18 -15.40 -14.91
C VAL B 124 13.68 -15.63 -15.06
N PHE B 125 13.17 -15.57 -16.30
CA PHE B 125 11.77 -15.83 -16.55
C PHE B 125 11.59 -17.33 -16.75
N PHE B 126 10.64 -17.92 -16.02
CA PHE B 126 10.31 -19.35 -16.01
C PHE B 126 8.87 -19.51 -16.39
N ASP B 127 8.59 -20.52 -17.21
CA ASP B 127 7.27 -20.81 -17.76
C ASP B 127 6.84 -22.22 -17.30
N GLY B 128 5.90 -22.25 -16.37
CA GLY B 128 5.34 -23.46 -15.81
C GLY B 128 4.71 -24.38 -16.81
N ARG B 129 4.41 -23.88 -18.02
CA ARG B 129 3.87 -24.72 -19.08
C ARG B 129 4.93 -25.66 -19.70
N VAL B 130 6.22 -25.40 -19.44
CA VAL B 130 7.33 -26.20 -19.92
C VAL B 130 7.75 -27.09 -18.75
N ASP B 131 7.91 -28.39 -19.01
CA ASP B 131 8.30 -29.37 -18.00
C ASP B 131 9.58 -28.96 -17.27
N GLY B 132 9.57 -29.09 -15.96
CA GLY B 132 10.71 -28.77 -15.11
C GLY B 132 10.96 -27.30 -14.78
N GLN B 133 10.23 -26.36 -15.41
CA GLN B 133 10.49 -24.93 -15.16
C GLN B 133 9.96 -24.45 -13.82
N VAL B 134 8.82 -24.99 -13.34
CA VAL B 134 8.30 -24.66 -12.00
C VAL B 134 9.37 -25.08 -10.95
N ASP B 135 10.01 -26.24 -11.16
CA ASP B 135 11.08 -26.77 -10.31
C ASP B 135 12.36 -25.95 -10.43
N LEU B 136 12.71 -25.46 -11.63
CA LEU B 136 13.87 -24.58 -11.82
C LEU B 136 13.66 -23.22 -11.12
N PHE B 137 12.41 -22.74 -11.06
CA PHE B 137 12.08 -21.53 -10.34
C PHE B 137 12.24 -21.80 -8.81
N ARG B 138 11.90 -23.03 -8.33
CA ARG B 138 12.05 -23.42 -6.93
C ARG B 138 13.48 -23.25 -6.46
N ASN B 139 14.48 -23.64 -7.29
CA ASN B 139 15.86 -23.50 -6.86
C ASN B 139 16.57 -22.27 -7.41
N ALA B 140 15.86 -21.39 -8.14
CA ALA B 140 16.48 -20.17 -8.65
C ALA B 140 16.55 -19.11 -7.57
N ARG B 141 17.63 -18.33 -7.57
CA ARG B 141 17.79 -17.27 -6.60
C ARG B 141 16.85 -16.12 -6.97
N ASN B 142 16.82 -15.74 -8.25
CA ASN B 142 15.98 -14.67 -8.76
C ASN B 142 15.20 -15.16 -9.97
N GLY B 143 13.93 -14.84 -9.99
CA GLY B 143 13.09 -15.29 -11.08
C GLY B 143 11.65 -14.86 -11.01
N VAL B 144 10.99 -15.01 -12.14
CA VAL B 144 9.58 -14.74 -12.28
C VAL B 144 9.01 -16.00 -12.90
N LEU B 145 7.94 -16.51 -12.32
CA LEU B 145 7.31 -17.71 -12.81
C LEU B 145 5.90 -17.42 -13.26
N ILE B 146 5.52 -17.95 -14.41
CA ILE B 146 4.14 -17.92 -14.84
C ILE B 146 3.60 -19.35 -14.90
N THR B 147 2.36 -19.55 -14.48
CA THR B 147 1.71 -20.85 -14.57
C THR B 147 0.26 -20.64 -15.01
N GLU B 148 -0.37 -21.71 -15.51
CA GLU B 148 -1.79 -21.69 -15.84
C GLU B 148 -2.65 -22.14 -14.63
N GLY B 149 -2.03 -22.75 -13.62
CA GLY B 149 -2.74 -23.20 -12.44
C GLY B 149 -1.95 -23.01 -11.18
N SER B 150 -2.39 -23.70 -10.14
CA SER B 150 -1.80 -23.59 -8.82
C SER B 150 -0.46 -24.31 -8.66
N VAL B 151 0.41 -23.70 -7.85
CA VAL B 151 1.71 -24.26 -7.50
C VAL B 151 1.61 -24.55 -6.00
N LYS B 152 1.86 -25.81 -5.59
CA LYS B 152 1.81 -26.15 -4.18
C LYS B 152 2.83 -25.38 -3.36
N GLY B 153 2.38 -24.78 -2.27
CA GLY B 153 3.25 -24.01 -1.41
C GLY B 153 3.43 -22.56 -1.80
N LEU B 154 2.92 -22.15 -2.99
CA LEU B 154 3.03 -20.77 -3.42
C LEU B 154 1.70 -20.06 -3.61
N GLN B 155 1.54 -18.88 -3.00
N GLN B 155 1.54 -18.87 -3.01
CA GLN B 155 0.32 -18.10 -3.22
CA GLN B 155 0.35 -18.04 -3.16
C GLN B 155 0.49 -17.31 -4.50
C GLN B 155 0.50 -17.31 -4.50
N PRO B 156 -0.51 -17.37 -5.40
CA PRO B 156 -0.36 -16.69 -6.70
C PRO B 156 -0.82 -15.26 -6.79
N SER B 157 -0.29 -14.57 -7.78
CA SER B 157 -0.72 -13.22 -8.10
C SER B 157 -1.40 -13.39 -9.47
N VAL B 158 -2.70 -13.12 -9.56
CA VAL B 158 -3.42 -13.25 -10.81
C VAL B 158 -2.99 -12.13 -11.76
N GLY B 159 -2.42 -12.50 -12.88
CA GLY B 159 -1.95 -11.54 -13.86
C GLY B 159 -3.05 -11.00 -14.74
N PRO B 160 -2.67 -10.26 -15.80
CA PRO B 160 -3.70 -9.75 -16.72
C PRO B 160 -4.41 -10.87 -17.49
N LYS B 161 -5.62 -10.57 -17.94
CA LYS B 161 -6.41 -11.50 -18.74
C LYS B 161 -5.73 -11.78 -20.09
N GLN B 162 -5.01 -10.76 -20.63
CA GLN B 162 -4.38 -10.82 -21.95
C GLN B 162 -2.90 -11.21 -21.93
N ALA B 163 -2.48 -11.81 -23.03
CA ALA B 163 -1.11 -12.18 -23.29
C ALA B 163 -0.82 -11.89 -24.78
N SER B 164 0.47 -11.91 -25.16
CA SER B 164 0.87 -11.70 -26.53
C SER B 164 1.09 -13.07 -27.21
N LEU B 165 0.37 -13.34 -28.30
CA LEU B 165 0.58 -14.55 -29.09
C LEU B 165 1.06 -14.14 -30.48
N ASN B 166 2.34 -14.33 -30.77
CA ASN B 166 2.94 -13.93 -32.05
C ASN B 166 2.74 -12.46 -32.36
N GLY B 167 2.82 -11.64 -31.32
CA GLY B 167 2.67 -10.21 -31.44
C GLY B 167 1.25 -9.70 -31.40
N VAL B 168 0.27 -10.59 -31.24
CA VAL B 168 -1.12 -10.19 -31.17
C VAL B 168 -1.53 -10.27 -29.71
N THR B 169 -1.89 -9.15 -29.10
CA THR B 169 -2.34 -9.14 -27.73
C THR B 169 -3.79 -9.53 -27.74
N LEU B 170 -4.12 -10.54 -26.96
CA LEU B 170 -5.47 -11.05 -26.94
C LEU B 170 -5.80 -11.73 -25.62
N ILE B 171 -7.09 -11.84 -25.37
CA ILE B 171 -7.65 -12.56 -24.25
C ILE B 171 -8.07 -13.88 -24.90
N GLY B 172 -7.35 -14.93 -24.53
CA GLY B 172 -7.48 -16.24 -25.13
C GLY B 172 -8.80 -16.95 -24.89
N GLU B 173 -9.31 -17.57 -25.95
CA GLU B 173 -10.52 -18.39 -25.89
C GLU B 173 -10.15 -19.85 -26.20
N ALA B 174 -9.30 -20.06 -27.20
CA ALA B 174 -8.82 -21.39 -27.58
C ALA B 174 -7.52 -21.78 -26.83
N VAL B 175 -6.85 -20.80 -26.21
CA VAL B 175 -5.60 -20.89 -25.44
C VAL B 175 -5.77 -20.07 -24.15
N LYS B 176 -5.02 -20.41 -23.10
CA LYS B 176 -5.08 -19.64 -21.86
C LYS B 176 -4.06 -18.52 -21.95
N THR B 177 -4.51 -17.30 -21.66
CA THR B 177 -3.63 -16.12 -21.64
C THR B 177 -3.51 -15.51 -20.22
N GLN B 178 -4.38 -15.91 -19.26
CA GLN B 178 -4.29 -15.37 -17.89
C GLN B 178 -3.41 -16.25 -17.05
N PHE B 179 -2.26 -15.72 -16.61
CA PHE B 179 -1.32 -16.52 -15.83
C PHE B 179 -1.27 -16.13 -14.37
N ASN B 180 -0.79 -17.06 -13.56
CA ASN B 180 -0.48 -16.82 -12.18
C ASN B 180 0.99 -16.39 -12.22
N TYR B 181 1.31 -15.34 -11.50
CA TYR B 181 2.64 -14.80 -11.45
C TYR B 181 3.22 -15.02 -10.07
N TYR B 182 4.49 -15.40 -10.06
CA TYR B 182 5.29 -15.61 -8.88
C TYR B 182 6.61 -14.94 -9.12
N LYS B 183 7.24 -14.49 -8.06
CA LYS B 183 8.50 -13.80 -8.15
C LYS B 183 9.28 -14.07 -6.90
N LYS B 184 10.58 -14.23 -7.08
CA LYS B 184 11.46 -14.39 -5.96
C LYS B 184 12.70 -13.56 -6.17
N VAL B 185 13.10 -12.89 -5.09
CA VAL B 185 14.28 -12.04 -5.01
C VAL B 185 15.16 -12.67 -3.93
N ASP B 186 16.41 -12.98 -4.28
CA ASP B 186 17.42 -13.58 -3.40
C ASP B 186 16.94 -14.80 -2.59
N GLY B 187 16.26 -15.72 -3.27
CA GLY B 187 15.75 -16.96 -2.74
C GLY B 187 14.42 -16.87 -2.01
N VAL B 188 13.93 -15.65 -1.80
CA VAL B 188 12.70 -15.45 -1.05
C VAL B 188 11.53 -15.16 -1.98
N VAL B 189 10.47 -15.97 -1.91
CA VAL B 189 9.26 -15.76 -2.69
C VAL B 189 8.59 -14.48 -2.20
N GLN B 190 8.50 -13.52 -3.08
CA GLN B 190 7.92 -12.22 -2.82
C GLN B 190 6.40 -12.24 -2.77
N GLN B 191 5.84 -11.27 -2.07
CA GLN B 191 4.40 -11.06 -2.08
C GLN B 191 4.23 -9.97 -3.14
N LEU B 192 3.72 -10.33 -4.33
CA LEU B 192 3.51 -9.34 -5.40
C LEU B 192 2.41 -8.37 -4.97
N PRO B 193 2.55 -7.09 -5.29
CA PRO B 193 1.56 -6.11 -4.80
C PRO B 193 0.22 -6.17 -5.52
N GLU B 194 -0.82 -5.59 -4.86
CA GLU B 194 -2.14 -5.35 -5.45
C GLU B 194 -1.92 -4.42 -6.65
N THR B 195 -2.49 -4.72 -7.80
CA THR B 195 -2.22 -3.94 -8.98
C THR B 195 -3.41 -3.83 -9.89
N TYR B 196 -3.45 -2.71 -10.60
CA TYR B 196 -4.39 -2.59 -11.70
C TYR B 196 -3.62 -3.11 -12.92
N PHE B 197 -4.32 -3.39 -13.99
CA PHE B 197 -3.68 -3.78 -15.24
C PHE B 197 -4.12 -2.89 -16.34
N THR B 198 -3.19 -2.55 -17.23
CA THR B 198 -3.55 -1.86 -18.45
C THR B 198 -4.23 -2.88 -19.38
N GLN B 199 -5.14 -2.39 -20.24
CA GLN B 199 -5.98 -3.21 -21.09
C GLN B 199 -5.40 -3.56 -22.45
N SER B 200 -4.28 -2.92 -22.84
CA SER B 200 -3.53 -3.19 -24.07
C SER B 200 -4.33 -3.14 -25.38
N ARG B 201 -5.28 -2.22 -25.47
CA ARG B 201 -6.10 -2.05 -26.65
C ARG B 201 -5.46 -1.10 -27.67
N ASN B 202 -5.95 -1.17 -28.92
CA ASN B 202 -5.52 -0.31 -30.02
C ASN B 202 -6.55 0.78 -30.18
N LEU B 203 -6.12 1.89 -30.72
CA LEU B 203 -6.98 3.01 -31.00
C LEU B 203 -8.07 2.70 -32.08
N GLN B 204 -7.66 2.07 -33.18
CA GLN B 204 -8.51 1.79 -34.32
C GLN B 204 -9.49 0.64 -34.11
N GLU B 205 -9.13 -0.35 -33.29
CA GLU B 205 -10.01 -1.49 -33.03
C GLU B 205 -10.36 -1.59 -31.55
N PHE B 206 -10.62 -0.44 -30.93
CA PHE B 206 -10.96 -0.37 -29.52
C PHE B 206 -12.34 -0.97 -29.20
N LYS B 207 -12.39 -1.87 -28.24
CA LYS B 207 -13.67 -2.46 -27.81
C LYS B 207 -13.88 -2.24 -26.31
N PRO B 208 -15.08 -1.79 -25.93
CA PRO B 208 -15.35 -1.56 -24.50
C PRO B 208 -15.45 -2.88 -23.70
N ARG B 209 -14.92 -2.88 -22.47
CA ARG B 209 -14.91 -4.08 -21.64
C ARG B 209 -15.72 -3.93 -20.33
N SER B 210 -16.68 -3.00 -20.33
CA SER B 210 -17.58 -2.77 -19.20
C SER B 210 -18.78 -1.94 -19.66
N GLN B 211 -19.86 -1.90 -18.85
CA GLN B 211 -21.02 -1.08 -19.19
C GLN B 211 -20.67 0.42 -19.16
N MET B 212 -19.77 0.83 -18.26
CA MET B 212 -19.32 2.21 -18.20
C MET B 212 -18.59 2.61 -19.49
N GLU B 213 -17.77 1.70 -20.05
CA GLU B 213 -17.04 1.97 -21.28
C GLU B 213 -17.97 2.02 -22.48
N ILE B 214 -19.03 1.20 -22.49
CA ILE B 214 -20.05 1.21 -23.55
C ILE B 214 -20.81 2.55 -23.48
N ASP B 215 -21.13 3.01 -22.26
CA ASP B 215 -21.81 4.28 -22.04
C ASP B 215 -20.90 5.47 -22.41
N PHE B 216 -19.59 5.36 -22.19
CA PHE B 216 -18.66 6.45 -22.54
C PHE B 216 -18.61 6.64 -24.06
N LEU B 217 -18.53 5.53 -24.80
CA LEU B 217 -18.45 5.58 -26.25
C LEU B 217 -19.79 5.95 -26.89
N GLU B 218 -20.92 5.60 -26.27
CA GLU B 218 -22.23 5.87 -26.86
C GLU B 218 -22.84 7.20 -26.43
N LEU B 219 -22.78 7.55 -25.16
CA LEU B 219 -23.39 8.78 -24.68
C LEU B 219 -22.59 10.04 -25.02
N ALA B 220 -23.27 11.20 -24.96
CA ALA B 220 -22.61 12.49 -25.14
C ALA B 220 -21.84 12.79 -23.84
N MET B 221 -20.85 13.67 -23.91
CA MET B 221 -20.01 13.99 -22.76
C MET B 221 -20.80 14.34 -21.47
N ASP B 222 -21.71 15.32 -21.54
CA ASP B 222 -22.44 15.80 -20.38
C ASP B 222 -23.40 14.77 -19.76
N GLU B 223 -24.02 13.89 -20.56
CA GLU B 223 -24.91 12.89 -19.98
C GLU B 223 -24.14 11.70 -19.38
N PHE B 224 -22.93 11.41 -19.89
CA PHE B 224 -22.12 10.34 -19.30
C PHE B 224 -21.63 10.80 -17.92
N ILE B 225 -21.12 12.04 -17.84
CA ILE B 225 -20.64 12.64 -16.60
C ILE B 225 -21.77 12.73 -15.56
N GLU B 226 -23.00 13.01 -16.03
CA GLU B 226 -24.18 13.07 -15.18
C GLU B 226 -24.55 11.69 -14.66
N ARG B 227 -24.61 10.68 -15.55
CA ARG B 227 -24.96 9.30 -15.19
C ARG B 227 -24.02 8.68 -14.16
N TYR B 228 -22.71 8.91 -14.31
CA TYR B 228 -21.73 8.31 -13.41
C TYR B 228 -21.26 9.23 -12.28
N LYS B 229 -21.95 10.38 -12.08
CA LYS B 229 -21.69 11.35 -11.02
C LYS B 229 -20.22 11.78 -11.01
N LEU B 230 -19.73 12.18 -12.18
CA LEU B 230 -18.34 12.58 -12.36
C LEU B 230 -18.11 14.07 -12.41
N GLU B 231 -19.10 14.88 -11.99
CA GLU B 231 -18.94 16.33 -11.94
C GLU B 231 -17.83 16.71 -10.95
N GLY B 232 -16.93 17.59 -11.37
CA GLY B 232 -15.81 18.03 -10.54
C GLY B 232 -14.55 17.20 -10.66
N TYR B 233 -14.58 16.10 -11.46
CA TYR B 233 -13.40 15.25 -11.65
C TYR B 233 -12.62 15.51 -12.94
N ALA B 234 -12.94 16.61 -13.64
CA ALA B 234 -12.29 17.09 -14.86
C ALA B 234 -12.18 16.05 -15.99
N PHE B 235 -13.21 15.21 -16.18
CA PHE B 235 -13.22 14.23 -17.25
C PHE B 235 -13.27 14.90 -18.62
N GLU B 236 -13.91 16.09 -18.70
CA GLU B 236 -13.99 16.92 -19.90
C GLU B 236 -12.57 17.21 -20.44
N HIS B 237 -11.64 17.51 -19.51
CA HIS B 237 -10.23 17.76 -19.81
C HIS B 237 -9.41 16.44 -19.94
N ILE B 238 -9.30 15.65 -18.84
CA ILE B 238 -8.52 14.42 -18.75
C ILE B 238 -8.89 13.32 -19.74
N VAL B 239 -10.18 12.99 -19.87
CA VAL B 239 -10.58 11.85 -20.67
C VAL B 239 -11.06 12.26 -22.07
N TYR B 240 -11.98 13.22 -22.15
CA TYR B 240 -12.52 13.66 -23.43
C TYR B 240 -11.52 14.46 -24.26
N GLY B 241 -10.72 15.26 -23.59
CA GLY B 241 -9.73 16.09 -24.27
C GLY B 241 -10.29 17.45 -24.64
N ASP B 242 -9.45 18.46 -24.54
CA ASP B 242 -9.81 19.83 -24.88
C ASP B 242 -9.02 20.21 -26.14
N PHE B 243 -9.71 20.44 -27.24
CA PHE B 243 -9.08 20.78 -28.51
C PHE B 243 -9.29 22.24 -28.90
N SER B 244 -9.62 23.12 -27.94
CA SER B 244 -9.93 24.52 -28.20
C SER B 244 -8.72 25.46 -28.20
N HIS B 245 -7.62 25.09 -27.56
CA HIS B 245 -6.40 25.93 -27.55
C HIS B 245 -5.28 25.29 -28.38
N SER B 246 -4.20 26.04 -28.66
CA SER B 246 -3.06 25.50 -29.43
C SER B 246 -2.48 24.26 -28.75
N GLN B 247 -2.37 24.30 -27.41
CA GLN B 247 -1.95 23.12 -26.69
C GLN B 247 -3.18 22.27 -26.35
N LEU B 248 -3.18 21.02 -26.86
CA LEU B 248 -4.21 20.01 -26.61
C LEU B 248 -4.24 19.73 -25.12
N GLY B 249 -5.42 19.84 -24.54
CA GLY B 249 -5.63 19.65 -23.12
C GLY B 249 -6.07 18.26 -22.77
N GLY B 250 -5.42 17.71 -21.74
CA GLY B 250 -5.73 16.38 -21.22
C GLY B 250 -5.50 15.28 -22.24
N LEU B 251 -6.52 14.41 -22.39
CA LEU B 251 -6.54 13.27 -23.31
C LEU B 251 -5.48 12.22 -22.91
N HIS B 252 -5.62 11.70 -21.68
CA HIS B 252 -4.65 10.74 -21.15
C HIS B 252 -5.15 9.31 -21.06
N LEU B 253 -6.42 9.05 -21.38
CA LEU B 253 -6.96 7.70 -21.32
C LEU B 253 -7.21 7.23 -22.73
N LEU B 254 -6.76 6.02 -23.08
CA LEU B 254 -6.92 5.48 -24.43
C LEU B 254 -8.37 5.49 -24.93
N ILE B 255 -9.34 5.20 -24.06
CA ILE B 255 -10.75 5.23 -24.44
C ILE B 255 -11.18 6.63 -24.98
N GLY B 256 -10.64 7.70 -24.41
CA GLY B 256 -10.95 9.05 -24.86
C GLY B 256 -10.37 9.33 -26.23
N LEU B 257 -9.19 8.80 -26.52
CA LEU B 257 -8.57 8.90 -27.82
C LEU B 257 -9.37 8.10 -28.84
N ALA B 258 -9.87 6.91 -28.46
CA ALA B 258 -10.67 6.05 -29.31
C ALA B 258 -11.98 6.72 -29.69
N LYS B 259 -12.63 7.39 -28.72
CA LYS B 259 -13.89 8.09 -28.96
C LYS B 259 -13.65 9.23 -29.98
N ARG B 260 -12.58 10.02 -29.78
CA ARG B 260 -12.20 11.13 -30.64
C ARG B 260 -11.89 10.63 -32.06
N PHE B 261 -11.18 9.50 -32.17
CA PHE B 261 -10.77 8.89 -33.43
C PHE B 261 -11.94 8.51 -34.34
N LYS B 262 -13.10 8.12 -33.75
CA LYS B 262 -14.30 7.78 -34.51
C LYS B 262 -14.82 9.02 -35.26
N GLU B 263 -14.77 10.19 -34.60
CA GLU B 263 -15.25 11.45 -35.20
C GLU B 263 -14.19 12.13 -36.08
N SER B 264 -13.01 12.43 -35.52
CA SER B 264 -11.93 13.15 -36.19
C SER B 264 -10.62 12.38 -36.08
N PRO B 265 -9.87 12.29 -37.18
CA PRO B 265 -8.57 11.61 -37.11
C PRO B 265 -7.50 12.51 -36.48
N PHE B 266 -6.40 11.90 -36.05
CA PHE B 266 -5.29 12.64 -35.47
C PHE B 266 -4.01 11.84 -35.58
N GLU B 267 -2.86 12.52 -35.52
CA GLU B 267 -1.59 11.86 -35.60
C GLU B 267 -1.02 11.63 -34.22
N LEU B 268 -0.55 10.39 -33.98
CA LEU B 268 0.09 10.04 -32.72
C LEU B 268 1.51 9.69 -33.08
N GLU B 269 2.46 10.53 -32.74
CA GLU B 269 3.86 10.21 -32.99
C GLU B 269 4.41 9.46 -31.77
N ASP B 270 4.72 8.17 -31.98
CA ASP B 270 5.27 7.26 -30.98
C ASP B 270 6.80 7.45 -30.97
N PHE B 271 7.29 8.53 -30.34
CA PHE B 271 8.71 8.90 -30.39
C PHE B 271 9.65 7.97 -29.57
N ILE B 272 9.12 7.13 -28.65
CA ILE B 272 9.92 6.10 -27.96
C ILE B 272 9.18 4.78 -28.22
N PRO B 273 9.32 4.17 -29.41
CA PRO B 273 8.55 2.96 -29.71
C PRO B 273 8.99 1.70 -28.94
N MET B 274 8.25 1.42 -27.89
CA MET B 274 8.49 0.28 -27.01
C MET B 274 7.22 -0.04 -26.23
N ASP B 275 7.14 -1.22 -25.66
CA ASP B 275 6.01 -1.60 -24.82
C ASP B 275 6.21 -0.98 -23.45
N SER B 276 5.25 -0.18 -22.99
CA SER B 276 5.29 0.38 -21.65
C SER B 276 3.88 0.68 -21.13
N THR B 277 3.72 0.59 -19.80
CA THR B 277 2.46 0.82 -19.08
C THR B 277 1.87 2.18 -19.45
N VAL B 278 2.71 3.20 -19.45
CA VAL B 278 2.32 4.52 -19.90
C VAL B 278 3.04 4.81 -21.22
N LYS B 279 2.30 5.27 -22.22
CA LYS B 279 2.90 5.63 -23.51
C LYS B 279 2.94 7.14 -23.71
N ASN B 280 3.99 7.66 -24.32
CA ASN B 280 4.09 9.10 -24.60
C ASN B 280 3.97 9.36 -26.08
N TYR B 281 3.03 10.23 -26.48
CA TYR B 281 2.86 10.56 -27.89
C TYR B 281 2.90 12.03 -28.16
N PHE B 282 3.47 12.40 -29.31
CA PHE B 282 3.42 13.77 -29.79
C PHE B 282 2.13 13.75 -30.62
N ILE B 283 1.04 14.33 -30.09
CA ILE B 283 -0.25 14.28 -30.78
C ILE B 283 -0.60 15.59 -31.54
N THR B 284 -1.16 15.45 -32.74
CA THR B 284 -1.61 16.60 -33.53
C THR B 284 -3.03 16.26 -33.97
N ASP B 285 -4.02 17.04 -33.52
CA ASP B 285 -5.40 16.82 -33.91
C ASP B 285 -5.59 17.40 -35.30
N ALA B 286 -5.97 16.56 -36.28
CA ALA B 286 -6.12 16.99 -37.68
C ALA B 286 -7.25 17.99 -37.90
N GLN B 287 -8.35 17.88 -37.16
CA GLN B 287 -9.49 18.78 -37.33
C GLN B 287 -9.22 20.21 -36.83
N THR B 288 -8.66 20.33 -35.63
CA THR B 288 -8.49 21.63 -35.02
C THR B 288 -7.07 22.22 -35.10
N GLY B 289 -6.05 21.38 -35.22
CA GLY B 289 -4.67 21.83 -35.14
C GLY B 289 -4.18 21.91 -33.69
N SER B 290 -4.98 21.45 -32.73
CA SER B 290 -4.60 21.42 -31.32
C SER B 290 -3.52 20.32 -31.20
N SER B 291 -2.40 20.60 -30.52
CA SER B 291 -1.32 19.61 -30.41
C SER B 291 -0.61 19.59 -29.03
N LYS B 292 0.13 18.52 -28.75
CA LYS B 292 0.89 18.42 -27.50
C LYS B 292 2.11 17.53 -27.77
N CYS B 293 3.31 18.04 -27.46
CA CYS B 293 4.58 17.32 -27.68
C CYS B 293 4.64 16.03 -26.91
N VAL B 294 4.24 16.08 -25.63
CA VAL B 294 4.28 14.91 -24.76
C VAL B 294 2.93 14.68 -24.14
N CYS B 295 2.14 13.82 -24.75
CA CYS B 295 0.84 13.47 -24.23
C CYS B 295 0.92 12.03 -23.70
N SER B 296 0.96 11.89 -22.38
CA SER B 296 1.02 10.57 -21.74
C SER B 296 -0.35 9.92 -21.85
N VAL B 297 -0.38 8.69 -22.29
CA VAL B 297 -1.60 7.94 -22.50
C VAL B 297 -1.47 6.60 -21.79
N ILE B 298 -2.50 6.25 -21.07
CA ILE B 298 -2.59 4.96 -20.41
C ILE B 298 -3.91 4.32 -20.82
N ASP B 299 -3.91 3.00 -21.00
CA ASP B 299 -5.13 2.29 -21.32
C ASP B 299 -5.61 1.54 -20.09
N LEU B 300 -6.34 2.24 -19.24
CA LEU B 300 -6.95 1.64 -18.07
C LEU B 300 -8.40 1.39 -18.42
N LEU B 301 -9.03 0.40 -17.78
CA LEU B 301 -10.48 0.19 -17.90
C LEU B 301 -11.11 1.46 -17.26
N LEU B 302 -12.05 2.11 -17.93
CA LEU B 302 -12.62 3.38 -17.42
C LEU B 302 -13.06 3.31 -15.94
N ASP B 303 -13.57 2.16 -15.51
CA ASP B 303 -14.01 1.91 -14.15
C ASP B 303 -12.84 2.00 -13.19
N ASP B 304 -11.68 1.45 -13.58
CA ASP B 304 -10.47 1.48 -12.77
C ASP B 304 -9.94 2.89 -12.64
N PHE B 305 -9.97 3.68 -13.74
CA PHE B 305 -9.52 5.06 -13.72
C PHE B 305 -10.44 5.91 -12.82
N VAL B 306 -11.77 5.65 -12.87
CA VAL B 306 -12.76 6.34 -12.04
C VAL B 306 -12.53 6.00 -10.57
N GLU B 307 -12.25 4.72 -10.25
CA GLU B 307 -11.95 4.29 -8.89
C GLU B 307 -10.68 5.01 -8.38
N ILE B 308 -9.63 5.08 -9.21
CA ILE B 308 -8.39 5.76 -8.81
C ILE B 308 -8.64 7.24 -8.52
N ILE B 309 -9.29 7.97 -9.46
CA ILE B 309 -9.50 9.39 -9.30
C ILE B 309 -10.47 9.70 -8.15
N LYS B 310 -11.45 8.82 -7.90
CA LYS B 310 -12.39 9.01 -6.80
C LYS B 310 -11.85 8.60 -5.43
N SER B 311 -10.66 7.99 -5.37
CA SER B 311 -10.01 7.57 -4.14
C SER B 311 -8.86 8.51 -3.75
N GLN B 312 -8.85 9.74 -4.30
CA GLN B 312 -7.83 10.71 -3.99
C GLN B 312 -8.36 11.88 -3.16
N ASP B 313 -7.48 12.46 -2.35
CA ASP B 313 -7.80 13.64 -1.58
C ASP B 313 -7.65 14.82 -2.54
N LEU B 314 -8.67 15.67 -2.64
CA LEU B 314 -8.66 16.79 -3.58
C LEU B 314 -8.40 18.16 -2.92
N SER B 315 -7.73 18.20 -1.77
CA SER B 315 -7.52 19.45 -1.04
C SER B 315 -6.19 20.17 -1.26
N VAL B 316 -5.29 19.64 -2.11
CA VAL B 316 -3.99 20.29 -2.33
C VAL B 316 -3.84 20.75 -3.80
N VAL B 317 -3.09 21.84 -4.04
CA VAL B 317 -2.91 22.36 -5.39
C VAL B 317 -2.26 21.31 -6.33
N SER B 318 -1.13 20.74 -5.93
CA SER B 318 -0.45 19.74 -6.74
C SER B 318 0.25 18.69 -5.91
N LYS B 319 0.12 17.43 -6.31
CA LYS B 319 0.78 16.34 -5.61
C LYS B 319 0.95 15.09 -6.49
N VAL B 320 1.92 14.25 -6.13
CA VAL B 320 2.18 13.02 -6.82
C VAL B 320 1.29 11.95 -6.19
N VAL B 321 0.57 11.20 -7.02
CA VAL B 321 -0.31 10.12 -6.65
C VAL B 321 0.31 8.87 -7.25
N LYS B 322 0.69 7.92 -6.41
CA LYS B 322 1.30 6.69 -6.89
C LYS B 322 0.28 5.54 -6.99
N VAL B 323 0.24 4.88 -8.14
CA VAL B 323 -0.71 3.79 -8.39
C VAL B 323 0.02 2.58 -8.95
N THR B 324 -0.17 1.38 -8.36
CA THR B 324 0.44 0.17 -8.90
C THR B 324 -0.34 -0.28 -10.13
N ILE B 325 0.31 -0.27 -11.29
CA ILE B 325 -0.30 -0.66 -12.57
C ILE B 325 0.69 -1.56 -13.28
N ASP B 326 0.27 -2.78 -13.65
CA ASP B 326 1.12 -3.77 -14.30
C ASP B 326 2.31 -4.12 -13.42
N TYR B 327 2.11 -4.14 -12.07
CA TYR B 327 3.11 -4.47 -11.03
C TYR B 327 4.12 -3.36 -10.80
N THR B 328 4.03 -2.22 -11.51
CA THR B 328 4.98 -1.13 -11.32
C THR B 328 4.31 0.07 -10.69
N GLU B 329 5.10 0.91 -10.06
CA GLU B 329 4.57 2.13 -9.48
C GLU B 329 4.50 3.24 -10.51
N ILE B 330 3.26 3.66 -10.85
CA ILE B 330 3.08 4.75 -11.80
C ILE B 330 2.74 6.03 -11.03
N SER B 331 3.53 7.08 -11.26
CA SER B 331 3.29 8.36 -10.64
C SER B 331 2.36 9.18 -11.51
N PHE B 332 1.35 9.75 -10.90
CA PHE B 332 0.39 10.62 -11.55
C PHE B 332 0.50 11.96 -10.88
N MET B 333 0.27 12.99 -11.66
CA MET B 333 0.28 14.35 -11.16
C MET B 333 -1.16 14.76 -10.99
N LEU B 334 -1.55 15.08 -9.77
CA LEU B 334 -2.91 15.49 -9.48
C LEU B 334 -2.96 16.98 -9.16
N TRP B 335 -3.72 17.73 -9.94
CA TRP B 335 -3.86 19.18 -9.78
C TRP B 335 -5.27 19.50 -9.42
N CYS B 336 -5.45 20.16 -8.28
CA CYS B 336 -6.78 20.51 -7.78
C CYS B 336 -6.92 22.00 -7.52
N LYS B 337 -8.18 22.48 -7.40
CA LYS B 337 -8.54 23.85 -7.08
C LYS B 337 -9.94 23.83 -6.48
N ASP B 338 -10.10 24.42 -5.28
CA ASP B 338 -11.39 24.51 -4.58
C ASP B 338 -12.11 23.17 -4.39
N GLY B 339 -11.34 22.11 -4.15
CA GLY B 339 -11.90 20.78 -3.93
C GLY B 339 -12.31 20.01 -5.17
N HIS B 340 -11.95 20.54 -6.34
CA HIS B 340 -12.27 19.87 -7.60
C HIS B 340 -10.99 19.59 -8.39
N VAL B 341 -10.99 18.54 -9.21
CA VAL B 341 -9.85 18.21 -10.06
C VAL B 341 -9.77 19.23 -11.20
N GLU B 342 -8.54 19.63 -11.54
CA GLU B 342 -8.24 20.48 -12.69
C GLU B 342 -7.64 19.53 -13.74
N THR B 343 -6.64 18.72 -13.35
CA THR B 343 -6.04 17.69 -14.20
C THR B 343 -5.45 16.54 -13.35
N PHE B 344 -5.28 15.38 -13.99
CA PHE B 344 -4.74 14.17 -13.39
C PHE B 344 -4.11 13.41 -14.54
N TYR B 345 -2.79 13.24 -14.54
CA TYR B 345 -2.12 12.60 -15.66
C TYR B 345 -0.93 11.77 -15.23
N PRO B 346 -0.61 10.69 -15.98
CA PRO B 346 0.62 9.93 -15.68
C PRO B 346 1.84 10.83 -15.88
N LYS B 347 2.47 11.21 -14.74
CA LYS B 347 3.60 12.13 -14.56
C LYS B 347 4.77 11.88 -15.51
N LEU B 348 5.10 12.93 -16.29
CA LEU B 348 6.20 12.98 -17.26
C LEU B 348 7.49 13.28 -16.47
N GLN B 349 8.33 12.24 -16.25
CA GLN B 349 9.53 12.39 -15.43
C GLN B 349 10.81 11.93 -16.14
#